data_8E4C
#
_entry.id   8E4C
#
_cell.length_a   1.00
_cell.length_b   1.00
_cell.length_c   1.00
_cell.angle_alpha   90.00
_cell.angle_beta   90.00
_cell.angle_gamma   90.00
#
_symmetry.space_group_name_H-M   'P 1'
#
loop_
_entity.id
_entity.type
_entity.pdbx_description
1 polymer 'Isoform 2 of Immunoglobulin heavy constant mu'
2 polymer 'B-cell antigen receptor complex-associated protein alpha chain,Yellow fluorescent protein'
3 polymer 'B-cell antigen receptor complex-associated protein beta chain'
4 non-polymer 2-acetamido-2-deoxy-beta-D-glucopyranose
#
loop_
_entity_poly.entity_id
_entity_poly.type
_entity_poly.pdbx_seq_one_letter_code
_entity_poly.pdbx_strand_id
1 'polypeptide(L)'
;MGWSCIILFLVATATGVHSGGWSHPQFEKAEAAAKEAAAKEAAAKAAVAEMNPNVNVFVPPRDGFSGPAPRKSKLICEAT
NFTPKPITVSWLKDGKLVESGFTTDPVTIENKGSTPQTYKVISTLTISEIDWLNLNVYTCRVDHRGLTFLKNVSSTCAAS
PSTDILTFTIPPSFADIFLSKSANLTCLVSNLATYETLNISWASQSGEPLETKIKIMESHPNGTFSAKGVASVCVEDWNN
RKEFVCTVTHRDLPSPQKKFISKPNEVHKHPPAVYLLPPAREQLNLRESATVTCLVKGFSPADISVQWLQRGQLLPQEKY
VTSAPMPEPGAPGFYFTHSILTVTEEEWNSGETYTCVVGHEALPHLVTERTVDKSTEGEVNAEEEGFENLWTTASTFIVL
FLLSLFYSTTVTLFKVK
;
B,A
2 'polypeptide(L)'
;DYKDDDDKMPGGLEALRALPLLLFLSYACLGPGCQALRVEGGPPSLTVNLGEEARLTCENNGRNPNITWWFSLQSNITWP
PVPLGPGQGTTGQLFFPEVNKNHRGLYWCQVIENNILKRSCGTYLRVRNPVPRPFLDMGEGTKNRIITAEGIILLFCAVV
PGTLLLFRKRWQNEKFGRSIATRSMFKGIVEGIGIIEKIDIYTDLDKYAIRFPENMLNGIKKESSIMFNGCFLTVTSVNS
NIVWFDIFEKEARKLDTFREYKVGDRVNLGTFPKFGAASGGHILSARISCVASIIEIIENEDYQQMWIQIPENFTEFLID
KDYIAVDGISLTIDTIKNNQFFISLPLKIAQNTNMKWRKKGDKVNVELSNKINANQCW
;
C
3 'polypeptide(L)'
;MATLVLSSMPCHWLLFLLLLFSGEPVPAMTSSDLPLNFQGSPCSQIWQHPRFAAKKRSSMVKFHCYTNHSGALTWFRKRG
SQQPQELVSEEGRIVQTQNGSVYTLTIQNIQYEDNGIYFCKQKCDSANHNVTDSCGTELLVLGFSTLDQLKRRNTLKDGI
ILIQTLLIILFIIVPIFLLLDKDDGKAGMEEDHTYEGLNIDQTATYEDIVTLRTGEVKWSVGEHPGQE
;
D
#
loop_
_chem_comp.id
_chem_comp.type
_chem_comp.name
_chem_comp.formula
NAG D-saccharide, beta linking 2-acetamido-2-deoxy-beta-D-glucopyranose 'C8 H15 N O6'
#
# COMPACT_ATOMS: atom_id res chain seq x y z
N ILE A 165 0.30 47.77 29.56
CA ILE A 165 0.53 48.29 28.23
C ILE A 165 1.55 47.43 27.48
N LEU A 166 1.07 46.68 26.49
CA LEU A 166 1.92 45.83 25.67
C LEU A 166 1.94 46.34 24.25
N THR A 167 3.14 46.52 23.70
CA THR A 167 3.33 47.02 22.35
C THR A 167 3.76 45.86 21.44
N PHE A 168 3.04 45.68 20.33
CA PHE A 168 3.32 44.63 19.38
C PHE A 168 3.56 45.23 18.00
N THR A 169 4.47 44.62 17.24
CA THR A 169 4.80 45.06 15.89
C THR A 169 4.33 44.02 14.89
N ILE A 170 3.51 44.44 13.94
CA ILE A 170 2.92 43.55 12.94
C ILE A 170 3.60 43.84 11.60
N PRO A 171 4.33 42.88 11.02
CA PRO A 171 4.93 43.11 9.72
C PRO A 171 3.87 43.25 8.64
N PRO A 172 4.14 44.02 7.59
CA PRO A 172 3.14 44.19 6.52
C PRO A 172 2.87 42.89 5.80
N SER A 173 1.63 42.75 5.31
CA SER A 173 1.22 41.57 4.56
C SER A 173 1.40 41.81 3.07
N PHE A 174 1.56 40.72 2.32
CA PHE A 174 1.79 40.82 0.87
C PHE A 174 0.51 41.06 0.09
N ALA A 175 -0.66 40.82 0.70
CA ALA A 175 -1.92 40.91 -0.05
C ALA A 175 -2.16 42.34 -0.54
N ASP A 176 -2.10 43.31 0.36
CA ASP A 176 -2.32 44.70 -0.05
C ASP A 176 -1.16 45.22 -0.88
N ILE A 177 0.05 44.70 -0.65
CA ILE A 177 1.19 45.07 -1.49
C ILE A 177 0.94 44.65 -2.93
N PHE A 178 0.40 43.46 -3.13
CA PHE A 178 0.03 43.03 -4.47
C PHE A 178 -1.11 43.86 -5.04
N LEU A 179 -2.07 44.26 -4.21
CA LEU A 179 -3.24 45.00 -4.67
C LEU A 179 -3.01 46.51 -4.66
N SER A 180 -2.71 47.08 -3.50
CA SER A 180 -2.57 48.52 -3.34
C SER A 180 -1.18 49.03 -3.69
N LYS A 181 -0.23 48.14 -3.99
CA LYS A 181 1.15 48.52 -4.33
C LYS A 181 1.81 49.32 -3.21
N SER A 182 1.45 49.01 -1.97
CA SER A 182 2.05 49.66 -0.81
C SER A 182 1.95 48.72 0.38
N ALA A 183 2.83 48.95 1.35
CA ALA A 183 2.92 48.13 2.55
C ALA A 183 2.56 48.97 3.77
N ASN A 184 1.83 48.37 4.70
CA ASN A 184 1.41 49.05 5.93
C ASN A 184 2.18 48.45 7.10
N LEU A 185 2.93 49.29 7.81
CA LEU A 185 3.58 48.90 9.04
C LEU A 185 2.66 49.26 10.21
N THR A 186 2.27 48.27 10.99
CA THR A 186 1.29 48.45 12.05
C THR A 186 1.95 48.28 13.42
N CYS A 187 1.75 49.28 14.28
CA CYS A 187 2.25 49.24 15.65
C CYS A 187 1.03 49.13 16.57
N LEU A 188 0.60 47.90 16.82
CA LEU A 188 -0.59 47.65 17.62
C LEU A 188 -0.22 47.59 19.10
N VAL A 189 -0.78 48.50 19.88
CA VAL A 189 -0.54 48.57 21.32
C VAL A 189 -1.88 48.41 22.03
N SER A 190 -1.94 47.45 22.96
CA SER A 190 -3.14 47.17 23.73
C SER A 190 -2.84 47.38 25.22
N ASN A 191 -3.83 47.03 26.04
CA ASN A 191 -3.73 47.15 27.50
C ASN A 191 -3.41 48.58 27.92
N LEU A 192 -3.99 49.55 27.23
CA LEU A 192 -3.74 50.96 27.49
C LEU A 192 -4.83 51.48 28.44
N ALA A 193 -4.41 51.99 29.59
CA ALA A 193 -5.37 52.51 30.56
C ALA A 193 -5.99 53.82 30.07
N THR A 194 -5.17 54.73 29.58
CA THR A 194 -5.63 56.03 29.09
C THR A 194 -4.95 56.34 27.77
N TYR A 195 -5.59 57.22 26.99
CA TYR A 195 -5.08 57.61 25.69
C TYR A 195 -4.95 59.12 25.49
N GLU A 196 -5.40 59.93 26.45
CA GLU A 196 -5.33 61.38 26.29
C GLU A 196 -3.90 61.92 26.37
N THR A 197 -2.97 61.13 26.91
CA THR A 197 -1.57 61.52 26.99
C THR A 197 -0.66 60.60 26.19
N LEU A 198 -1.23 59.68 25.41
CA LEU A 198 -0.41 58.74 24.64
C LEU A 198 0.30 59.46 23.50
N ASN A 199 1.54 59.03 23.22
CA ASN A 199 2.34 59.57 22.13
C ASN A 199 3.00 58.39 21.43
N ILE A 200 2.44 57.98 20.29
CA ILE A 200 2.94 56.85 19.51
C ILE A 200 3.32 57.35 18.12
N SER A 201 4.55 57.06 17.71
CA SER A 201 5.03 57.47 16.40
C SER A 201 6.01 56.43 15.87
N TRP A 202 6.11 56.35 14.55
CA TRP A 202 7.04 55.46 13.90
C TRP A 202 8.38 56.15 13.70
N ALA A 203 9.45 55.35 13.69
CA ALA A 203 10.80 55.86 13.55
C ALA A 203 11.66 54.82 12.86
N SER A 204 12.93 55.17 12.63
CA SER A 204 13.90 54.30 11.99
C SER A 204 15.08 54.06 12.91
N GLN A 205 15.95 53.13 12.51
CA GLN A 205 17.14 52.85 13.29
C GLN A 205 18.09 54.04 13.31
N SER A 206 18.20 54.76 12.19
CA SER A 206 19.06 55.92 12.09
C SER A 206 18.44 57.18 12.65
N GLY A 207 17.30 57.07 13.34
CA GLY A 207 16.64 58.22 13.92
C GLY A 207 15.74 59.00 13.00
N GLU A 208 15.54 58.54 11.77
CA GLU A 208 14.67 59.23 10.83
C GLU A 208 13.22 59.06 11.25
N PRO A 209 12.49 60.14 11.51
CA PRO A 209 11.07 59.99 11.85
C PRO A 209 10.23 59.55 10.66
N LEU A 210 9.11 58.91 10.96
CA LEU A 210 8.19 58.42 9.95
C LEU A 210 6.80 58.98 10.19
N GLU A 211 6.01 59.02 9.12
CA GLU A 211 4.62 59.47 9.20
C GLU A 211 3.80 58.38 9.89
N THR A 212 3.21 58.70 11.04
CA THR A 212 2.45 57.76 11.83
C THR A 212 0.99 58.18 11.87
N LYS A 213 0.09 57.24 11.56
CA LYS A 213 -1.35 57.46 11.62
C LYS A 213 -1.90 56.77 12.86
N ILE A 214 -2.66 57.51 13.66
CA ILE A 214 -3.21 57.01 14.91
C ILE A 214 -4.66 56.61 14.69
N LYS A 215 -4.96 55.34 14.97
CA LYS A 215 -6.31 54.81 14.86
C LYS A 215 -6.64 54.04 16.14
N ILE A 216 -7.77 54.37 16.74
CA ILE A 216 -8.14 53.84 18.06
C ILE A 216 -9.46 53.09 17.92
N MET A 217 -9.51 51.86 18.43
CA MET A 217 -10.70 51.03 18.40
C MET A 217 -11.53 51.26 19.66
N GLU A 218 -12.64 50.53 19.75
CA GLU A 218 -13.54 50.66 20.87
C GLU A 218 -12.96 50.01 22.12
N SER A 219 -13.57 50.32 23.27
CA SER A 219 -13.07 49.85 24.54
C SER A 219 -13.18 48.33 24.66
N HIS A 220 -12.12 47.71 25.16
CA HIS A 220 -12.11 46.28 25.43
C HIS A 220 -12.91 45.99 26.69
N PRO A 221 -13.61 44.85 26.73
CA PRO A 221 -14.42 44.52 27.92
C PRO A 221 -13.64 44.44 29.22
N ASN A 222 -12.31 44.35 29.18
CA ASN A 222 -11.52 44.29 30.40
C ASN A 222 -11.22 45.67 30.99
N GLY A 223 -11.66 46.75 30.34
CA GLY A 223 -11.43 48.08 30.83
C GLY A 223 -10.17 48.75 30.32
N THR A 224 -9.52 48.20 29.31
CA THR A 224 -8.29 48.74 28.76
C THR A 224 -8.50 49.18 27.32
N PHE A 225 -7.88 50.28 26.94
CA PHE A 225 -8.00 50.81 25.59
C PHE A 225 -6.86 50.29 24.72
N SER A 226 -6.90 50.66 23.43
CA SER A 226 -5.89 50.20 22.49
C SER A 226 -5.66 51.28 21.44
N ALA A 227 -4.51 51.18 20.76
CA ALA A 227 -4.14 52.14 19.74
C ALA A 227 -3.25 51.46 18.72
N LYS A 228 -3.11 52.11 17.55
CA LYS A 228 -2.33 51.56 16.45
C LYS A 228 -1.52 52.67 15.79
N GLY A 229 -0.46 52.27 15.11
CA GLY A 229 0.34 53.18 14.32
C GLY A 229 0.55 52.67 12.90
N VAL A 230 0.05 53.42 11.92
CA VAL A 230 0.04 53.00 10.53
C VAL A 230 0.97 53.89 9.72
N ALA A 231 1.86 53.27 8.95
CA ALA A 231 2.81 53.98 8.11
C ALA A 231 2.89 53.31 6.75
N SER A 232 3.20 54.11 5.72
CA SER A 232 3.30 53.62 4.34
C SER A 232 4.68 54.00 3.79
N VAL A 233 5.48 52.99 3.49
CA VAL A 233 6.83 53.17 2.95
C VAL A 233 7.01 52.18 1.81
N CYS A 234 7.95 52.50 0.92
CA CYS A 234 8.20 51.69 -0.26
C CYS A 234 8.58 50.25 0.11
N VAL A 235 8.11 49.32 -0.71
CA VAL A 235 8.34 47.90 -0.44
C VAL A 235 9.81 47.54 -0.58
N GLU A 236 10.52 48.23 -1.48
CA GLU A 236 11.92 47.88 -1.75
C GLU A 236 12.81 48.07 -0.53
N ASP A 237 12.60 49.13 0.24
CA ASP A 237 13.36 49.29 1.47
C ASP A 237 13.05 48.18 2.46
N TRP A 238 11.78 47.80 2.56
CA TRP A 238 11.42 46.65 3.41
C TRP A 238 12.02 45.36 2.88
N ASN A 239 12.16 45.25 1.56
CA ASN A 239 12.85 44.11 0.97
C ASN A 239 14.36 44.19 1.18
N ASN A 240 14.88 45.36 1.55
CA ASN A 240 16.29 45.53 1.86
C ASN A 240 16.61 45.31 3.33
N ARG A 241 15.62 44.92 4.13
CA ARG A 241 15.81 44.60 5.54
C ARG A 241 16.30 45.82 6.33
N LYS A 242 15.53 46.90 6.26
CA LYS A 242 15.79 48.09 7.05
C LYS A 242 15.04 47.98 8.38
N GLU A 243 15.73 48.35 9.46
CA GLU A 243 15.18 48.21 10.81
C GLU A 243 14.35 49.45 11.15
N PHE A 244 13.04 49.27 11.22
CA PHE A 244 12.12 50.33 11.62
C PHE A 244 11.62 50.08 13.03
N VAL A 245 11.59 51.13 13.84
CA VAL A 245 11.23 51.03 15.25
C VAL A 245 10.06 51.97 15.52
N CYS A 246 9.08 51.49 16.27
CA CYS A 246 7.90 52.28 16.63
C CYS A 246 8.06 52.77 18.06
N THR A 247 7.99 54.09 18.23
CA THR A 247 8.14 54.71 19.54
C THR A 247 6.79 54.77 20.25
N VAL A 248 6.71 54.18 21.44
CA VAL A 248 5.49 54.15 22.23
C VAL A 248 5.80 54.72 23.60
N THR A 249 5.13 55.81 23.96
CA THR A 249 5.29 56.45 25.26
C THR A 249 3.91 56.70 25.87
N HIS A 250 3.84 56.62 27.19
CA HIS A 250 2.58 56.81 27.89
C HIS A 250 2.86 57.29 29.31
N ARG A 251 1.83 57.84 29.93
CA ARG A 251 1.94 58.33 31.30
C ARG A 251 2.10 57.20 32.31
N ASP A 252 1.61 56.00 31.98
CA ASP A 252 1.71 54.85 32.87
C ASP A 252 2.96 54.01 32.60
N LEU A 253 3.75 54.36 31.59
CA LEU A 253 4.95 53.61 31.27
C LEU A 253 6.17 54.30 31.86
N PRO A 254 6.87 53.69 32.82
CA PRO A 254 8.10 54.32 33.32
C PRO A 254 9.16 54.50 32.25
N SER A 255 9.23 53.60 31.28
CA SER A 255 10.16 53.69 30.16
C SER A 255 9.42 53.42 28.86
N PRO A 256 9.84 54.05 27.77
CA PRO A 256 9.20 53.78 26.47
C PRO A 256 9.44 52.35 26.02
N GLN A 257 8.46 51.81 25.29
CA GLN A 257 8.53 50.45 24.78
C GLN A 257 8.91 50.52 23.29
N LYS A 258 10.23 50.51 23.05
CA LYS A 258 10.76 50.59 21.69
C LYS A 258 11.03 49.18 21.20
N LYS A 259 10.17 48.68 20.31
CA LYS A 259 10.32 47.36 19.72
C LYS A 259 11.12 47.47 18.43
N PHE A 260 12.21 46.70 18.34
CA PHE A 260 13.08 46.71 17.18
C PHE A 260 12.67 45.56 16.25
N ILE A 261 12.39 45.88 15.00
CA ILE A 261 11.92 44.89 14.04
C ILE A 261 12.59 45.10 12.69
N SER A 262 12.60 44.04 11.90
CA SER A 262 13.08 44.06 10.52
C SER A 262 12.40 42.90 9.81
N LYS A 263 12.92 42.55 8.63
CA LYS A 263 12.45 41.38 7.93
C LYS A 263 12.69 40.13 8.77
N PRO A 264 11.67 39.32 9.02
CA PRO A 264 11.92 38.01 9.64
C PRO A 264 12.81 37.17 8.74
N ASN A 265 13.49 36.20 9.34
CA ASN A 265 14.52 35.45 8.65
C ASN A 265 13.99 34.84 7.35
N GLU A 266 14.48 35.35 6.22
CA GLU A 266 14.15 34.78 4.92
C GLU A 266 14.89 33.47 4.76
N VAL A 267 14.27 32.50 4.07
CA VAL A 267 14.81 31.17 3.98
C VAL A 267 14.90 30.79 2.50
N HIS A 268 15.23 29.53 2.21
CA HIS A 268 15.50 29.08 0.85
C HIS A 268 14.33 29.38 -0.09
N LYS A 269 13.11 29.41 0.45
CA LYS A 269 11.91 29.80 -0.29
C LYS A 269 11.76 28.93 -1.55
N HIS A 270 11.57 27.66 -1.33
CA HIS A 270 11.40 26.87 -2.54
C HIS A 270 9.93 26.59 -2.79
N PRO A 271 9.50 26.57 -4.05
CA PRO A 271 8.08 26.40 -4.35
C PRO A 271 7.67 24.94 -4.24
N PRO A 272 6.39 24.66 -4.04
CA PRO A 272 5.94 23.28 -3.90
C PRO A 272 6.17 22.47 -5.17
N ALA A 273 6.33 21.16 -4.98
CA ALA A 273 6.53 20.22 -6.09
C ALA A 273 5.44 19.16 -5.97
N VAL A 274 4.30 19.41 -6.61
CA VAL A 274 3.13 18.55 -6.45
C VAL A 274 3.32 17.27 -7.26
N TYR A 275 3.06 16.13 -6.61
CA TYR A 275 3.16 14.82 -7.31
C TYR A 275 1.87 14.04 -7.08
N LEU A 276 0.85 14.29 -7.89
CA LEU A 276 -0.44 13.55 -7.76
C LEU A 276 -0.17 12.04 -7.78
N LEU A 277 -0.79 11.29 -6.87
CA LEU A 277 -0.57 9.82 -6.81
C LEU A 277 -1.89 9.09 -7.07
N PRO A 278 -1.90 8.03 -7.91
CA PRO A 278 -3.14 7.32 -8.25
C PRO A 278 -3.56 6.39 -7.11
N PRO A 279 -4.82 5.99 -7.08
CA PRO A 279 -5.27 5.08 -6.03
C PRO A 279 -4.65 3.70 -6.17
N ALA A 280 -4.57 2.99 -5.05
CA ALA A 280 -4.05 1.63 -5.06
C ALA A 280 -5.09 0.67 -5.62
N ARG A 281 -4.64 -0.23 -6.49
CA ARG A 281 -5.55 -1.20 -7.11
C ARG A 281 -6.17 -2.13 -6.09
N GLU A 282 -5.47 -2.41 -4.98
CA GLU A 282 -6.05 -3.22 -3.93
C GLU A 282 -7.28 -2.56 -3.32
N GLN A 283 -7.23 -1.24 -3.13
CA GLN A 283 -8.41 -0.53 -2.65
C GLN A 283 -9.55 -0.56 -3.66
N LEU A 284 -9.23 -0.41 -4.95
CA LEU A 284 -10.27 -0.49 -5.98
C LEU A 284 -10.88 -1.88 -6.05
N ASN A 285 -10.13 -2.92 -5.63
CA ASN A 285 -10.65 -4.27 -5.68
C ASN A 285 -11.88 -4.47 -4.79
N LEU A 286 -12.04 -3.63 -3.76
CA LEU A 286 -13.19 -3.76 -2.88
C LEU A 286 -14.48 -3.27 -3.55
N ARG A 287 -14.37 -2.53 -4.66
CA ARG A 287 -15.52 -1.99 -5.38
C ARG A 287 -16.41 -1.12 -4.50
N GLU A 288 -15.81 -0.42 -3.54
CA GLU A 288 -16.57 0.44 -2.65
C GLU A 288 -16.20 1.91 -2.78
N SER A 289 -14.93 2.26 -2.65
CA SER A 289 -14.51 3.65 -2.75
C SER A 289 -13.02 3.70 -3.08
N ALA A 290 -12.59 4.86 -3.57
CA ALA A 290 -11.20 5.11 -3.87
C ALA A 290 -10.80 6.48 -3.34
N THR A 291 -9.54 6.60 -2.95
CA THR A 291 -8.99 7.87 -2.49
C THR A 291 -7.92 8.33 -3.48
N VAL A 292 -8.09 9.55 -3.97
CA VAL A 292 -7.08 10.19 -4.81
C VAL A 292 -6.23 11.06 -3.90
N THR A 293 -4.92 10.86 -3.94
CA THR A 293 -3.98 11.55 -3.06
C THR A 293 -2.98 12.32 -3.89
N CYS A 294 -2.81 13.61 -3.59
CA CYS A 294 -1.83 14.45 -4.28
C CYS A 294 -0.86 15.00 -3.25
N LEU A 295 0.33 14.39 -3.18
CA LEU A 295 1.35 14.85 -2.25
C LEU A 295 1.94 16.18 -2.70
N VAL A 296 1.89 17.16 -1.79
CA VAL A 296 2.48 18.49 -2.07
C VAL A 296 3.66 18.64 -1.10
N LYS A 297 4.88 18.66 -1.61
CA LYS A 297 6.09 18.68 -0.78
C LYS A 297 7.10 19.67 -1.33
N GLY A 298 7.94 20.18 -0.42
CA GLY A 298 9.06 21.01 -0.80
C GLY A 298 8.80 22.50 -0.84
N PHE A 299 8.12 23.03 0.16
CA PHE A 299 7.87 24.47 0.24
C PHE A 299 8.30 25.01 1.59
N SER A 300 8.89 26.20 1.57
CA SER A 300 9.45 26.81 2.77
C SER A 300 8.39 27.49 3.66
N PRO A 301 7.54 28.41 3.13
CA PRO A 301 6.49 29.04 3.93
C PRO A 301 5.51 28.00 4.51
N ALA A 302 4.99 28.25 5.72
CA ALA A 302 4.03 27.33 6.31
C ALA A 302 2.68 27.39 5.59
N ASP A 303 2.24 28.58 5.20
CA ASP A 303 0.92 28.73 4.59
C ASP A 303 0.89 28.07 3.23
N ILE A 304 -0.19 27.31 2.97
CA ILE A 304 -0.42 26.67 1.69
C ILE A 304 -1.88 26.28 1.61
N SER A 305 -2.48 26.40 0.43
CA SER A 305 -3.92 26.17 0.25
C SER A 305 -4.12 25.21 -0.91
N VAL A 306 -4.39 23.95 -0.60
CA VAL A 306 -4.66 22.95 -1.62
C VAL A 306 -6.16 22.88 -1.88
N GLN A 307 -6.55 23.05 -3.14
CA GLN A 307 -7.94 22.92 -3.57
C GLN A 307 -8.02 21.92 -4.70
N TRP A 308 -9.07 21.12 -4.71
CA TRP A 308 -9.31 20.18 -5.79
C TRP A 308 -10.42 20.69 -6.71
N LEU A 309 -10.26 20.43 -8.00
CA LEU A 309 -11.23 20.84 -9.01
C LEU A 309 -11.93 19.64 -9.60
N GLN A 310 -13.24 19.76 -9.81
CA GLN A 310 -14.02 18.78 -10.54
C GLN A 310 -14.58 19.47 -11.77
N ARG A 311 -14.20 18.96 -12.96
CA ARG A 311 -14.64 19.47 -14.26
C ARG A 311 -14.59 20.99 -14.32
N GLY A 312 -13.62 21.60 -13.64
CA GLY A 312 -13.48 23.04 -13.62
C GLY A 312 -14.22 23.75 -12.51
N GLN A 313 -14.77 23.03 -11.54
CA GLN A 313 -15.44 23.63 -10.39
C GLN A 313 -14.70 23.26 -9.12
N LEU A 314 -14.60 24.21 -8.19
CA LEU A 314 -13.91 23.98 -6.94
C LEU A 314 -14.66 22.95 -6.10
N LEU A 315 -13.90 22.06 -5.46
CA LEU A 315 -14.49 21.04 -4.61
C LEU A 315 -14.58 21.53 -3.17
N PRO A 316 -15.77 21.51 -2.56
CA PRO A 316 -15.90 21.99 -1.18
C PRO A 316 -15.17 21.08 -0.20
N GLN A 317 -14.86 21.64 0.96
CA GLN A 317 -14.19 20.90 2.01
C GLN A 317 -15.07 19.80 2.62
N GLU A 318 -16.37 19.80 2.35
CA GLU A 318 -17.27 18.80 2.89
C GLU A 318 -17.00 17.40 2.35
N LYS A 319 -16.33 17.28 1.20
CA LYS A 319 -16.08 15.98 0.58
C LYS A 319 -14.65 15.49 0.73
N TYR A 320 -13.66 16.37 0.66
CA TYR A 320 -12.26 16.01 0.76
C TYR A 320 -11.68 16.55 2.06
N VAL A 321 -10.48 16.08 2.40
CA VAL A 321 -9.75 16.54 3.57
C VAL A 321 -8.27 16.66 3.21
N THR A 322 -7.58 17.54 3.92
CA THR A 322 -6.16 17.79 3.67
C THR A 322 -5.40 17.83 4.98
N SER A 323 -4.15 17.38 4.93
CA SER A 323 -3.30 17.35 6.11
C SER A 323 -2.64 18.70 6.35
N ALA A 324 -2.47 19.04 7.62
CA ALA A 324 -1.77 20.27 7.97
C ALA A 324 -0.28 20.15 7.63
N PRO A 325 0.39 21.29 7.34
CA PRO A 325 1.80 21.30 6.98
C PRO A 325 2.68 20.75 8.10
N MET A 326 3.65 19.91 7.74
CA MET A 326 4.58 19.32 8.69
C MET A 326 5.98 19.40 8.10
N PRO A 327 7.01 19.52 8.94
CA PRO A 327 8.38 19.53 8.42
C PRO A 327 8.72 18.22 7.73
N GLU A 328 9.58 18.31 6.70
CA GLU A 328 9.94 17.13 5.92
C GLU A 328 11.34 16.64 6.31
N PRO A 329 11.51 15.34 6.49
CA PRO A 329 12.81 14.84 6.95
C PRO A 329 13.89 14.98 5.89
N GLY A 330 15.14 15.06 6.35
CA GLY A 330 16.28 15.19 5.48
C GLY A 330 16.65 16.61 5.11
N ALA A 331 15.84 17.59 5.50
CA ALA A 331 16.11 18.99 5.21
C ALA A 331 15.43 19.87 6.25
N PRO A 332 16.14 20.27 7.31
CA PRO A 332 15.52 21.13 8.32
C PRO A 332 15.08 22.46 7.71
N GLY A 333 13.96 22.96 8.21
CA GLY A 333 13.40 24.20 7.71
C GLY A 333 12.66 24.06 6.39
N PHE A 334 12.37 22.84 5.96
CA PHE A 334 11.65 22.57 4.73
C PHE A 334 10.35 21.87 5.06
N TYR A 335 9.24 22.38 4.53
CA TYR A 335 7.91 21.91 4.88
C TYR A 335 7.29 21.12 3.74
N PHE A 336 6.22 20.40 4.07
CA PHE A 336 5.44 19.64 3.09
C PHE A 336 4.04 19.47 3.64
N THR A 337 3.13 19.04 2.76
CA THR A 337 1.73 18.79 3.19
C THR A 337 1.24 17.57 2.41
N HIS A 338 -0.06 17.35 2.39
CA HIS A 338 -0.66 16.19 1.67
C HIS A 338 -2.12 16.49 1.37
N SER A 339 -2.89 15.47 0.99
CA SER A 339 -4.34 15.66 0.70
C SER A 339 -4.94 14.31 0.30
N ILE A 340 -6.27 14.20 0.29
CA ILE A 340 -6.93 12.94 -0.11
C ILE A 340 -8.37 13.29 -0.50
N LEU A 341 -8.77 12.92 -1.71
CA LEU A 341 -10.16 13.15 -2.17
C LEU A 341 -10.87 11.80 -2.26
N THR A 342 -11.69 11.46 -1.26
CA THR A 342 -12.43 10.23 -1.35
C THR A 342 -13.44 10.32 -2.49
N VAL A 343 -13.51 9.28 -3.31
CA VAL A 343 -14.43 9.20 -4.43
C VAL A 343 -15.14 7.86 -4.36
N THR A 344 -16.38 7.81 -4.83
CA THR A 344 -17.11 6.56 -4.83
C THR A 344 -16.71 5.71 -6.03
N GLU A 345 -17.12 4.44 -6.00
CA GLU A 345 -16.63 3.47 -6.96
C GLU A 345 -17.15 3.79 -8.37
N GLU A 346 -18.43 4.13 -8.48
CA GLU A 346 -18.98 4.52 -9.78
C GLU A 346 -18.46 5.88 -10.24
N GLU A 347 -18.02 6.73 -9.30
CA GLU A 347 -17.32 7.94 -9.68
C GLU A 347 -16.00 7.61 -10.36
N TRP A 348 -15.30 6.59 -9.87
CA TRP A 348 -14.03 6.20 -10.47
C TRP A 348 -14.24 5.47 -11.79
N ASN A 349 -15.39 4.80 -11.98
CA ASN A 349 -15.67 4.23 -13.31
C ASN A 349 -15.87 5.31 -14.36
N SER A 350 -16.55 6.40 -14.00
CA SER A 350 -16.98 7.38 -15.00
C SER A 350 -15.83 8.15 -15.61
N GLY A 351 -14.62 8.06 -15.04
CA GLY A 351 -13.51 8.81 -15.59
C GLY A 351 -13.63 10.31 -15.46
N GLU A 352 -14.06 10.79 -14.30
CA GLU A 352 -14.15 12.22 -14.06
C GLU A 352 -12.76 12.83 -13.91
N THR A 353 -12.71 14.16 -13.99
CA THR A 353 -11.44 14.89 -13.94
C THR A 353 -11.09 15.19 -12.48
N TYR A 354 -10.11 14.47 -11.96
CA TYR A 354 -9.62 14.67 -10.59
C TYR A 354 -8.31 15.43 -10.65
N THR A 355 -8.34 16.70 -10.26
CA THR A 355 -7.15 17.54 -10.23
C THR A 355 -7.16 18.36 -8.94
N CYS A 356 -5.98 18.52 -8.35
CA CYS A 356 -5.80 19.32 -7.15
C CYS A 356 -4.82 20.45 -7.45
N VAL A 357 -5.19 21.67 -7.07
CA VAL A 357 -4.34 22.84 -7.28
C VAL A 357 -3.72 23.24 -5.96
N VAL A 358 -2.65 24.03 -6.04
CA VAL A 358 -1.88 24.43 -4.88
C VAL A 358 -1.61 25.92 -4.97
N GLY A 359 -1.98 26.66 -3.92
CA GLY A 359 -1.66 28.06 -3.79
C GLY A 359 -0.48 28.25 -2.85
N HIS A 360 0.49 29.04 -3.30
CA HIS A 360 1.73 29.22 -2.51
C HIS A 360 2.37 30.57 -2.85
N GLU A 361 3.07 31.17 -1.89
CA GLU A 361 3.71 32.47 -2.07
C GLU A 361 4.88 32.39 -3.04
N ALA A 362 5.67 31.31 -2.97
CA ALA A 362 6.89 31.20 -3.76
C ALA A 362 6.63 30.74 -5.20
N LEU A 363 5.40 30.45 -5.56
CA LEU A 363 5.12 30.01 -6.92
C LEU A 363 5.30 31.16 -7.90
N PRO A 364 6.18 31.01 -8.90
CA PRO A 364 6.41 32.12 -9.83
C PRO A 364 5.17 32.55 -10.61
N HIS A 365 4.24 31.62 -10.84
CA HIS A 365 2.93 31.96 -11.39
C HIS A 365 1.84 31.99 -10.32
N LEU A 366 2.22 31.80 -9.05
CA LEU A 366 1.34 31.94 -7.89
C LEU A 366 0.29 30.83 -7.79
N VAL A 367 0.20 29.96 -8.81
CA VAL A 367 -0.72 28.83 -8.82
C VAL A 367 -0.09 27.71 -9.63
N THR A 368 -0.17 26.48 -9.12
CA THR A 368 0.25 25.31 -9.87
C THR A 368 -0.78 24.20 -9.68
N GLU A 369 -0.84 23.30 -10.65
CA GLU A 369 -1.85 22.25 -10.62
C GLU A 369 -1.35 21.04 -11.42
N ARG A 370 -1.51 19.85 -10.84
CA ARG A 370 -1.18 18.60 -11.49
C ARG A 370 -2.46 17.89 -11.92
N THR A 371 -2.34 17.03 -12.92
CA THR A 371 -3.48 16.40 -13.57
C THR A 371 -3.26 14.89 -13.64
N VAL A 372 -3.90 14.16 -12.74
CA VAL A 372 -4.03 12.71 -12.86
C VAL A 372 -5.51 12.41 -12.69
N ASP A 373 -6.20 12.14 -13.79
CA ASP A 373 -7.65 12.15 -13.82
C ASP A 373 -8.15 10.99 -14.67
N LYS A 374 -9.42 11.05 -15.05
CA LYS A 374 -10.10 10.02 -15.84
C LYS A 374 -10.07 8.74 -15.02
N SER A 375 -9.64 7.61 -15.58
CA SER A 375 -9.58 6.36 -14.84
C SER A 375 -8.21 5.69 -14.91
N THR A 376 -7.28 6.22 -15.69
CA THR A 376 -5.95 5.65 -15.82
C THR A 376 -5.04 6.68 -16.49
N GLU A 377 -3.88 6.91 -15.87
CA GLU A 377 -2.89 7.81 -16.43
C GLU A 377 -1.78 7.10 -17.18
N GLY A 378 -1.70 5.78 -17.10
CA GLY A 378 -0.68 5.02 -17.77
C GLY A 378 0.53 4.73 -16.89
N GLU A 379 1.28 3.71 -17.27
CA GLU A 379 2.48 3.33 -16.55
C GLU A 379 3.36 2.47 -17.46
N VAL A 380 4.57 2.93 -17.72
CA VAL A 380 5.54 2.16 -18.48
C VAL A 380 6.31 1.26 -17.53
N ASN A 381 6.65 0.05 -17.98
CA ASN A 381 7.31 -0.90 -17.05
C ASN A 381 8.40 -1.71 -17.78
N ALA A 382 8.71 -2.91 -17.27
CA ALA A 382 9.81 -3.72 -17.87
C ALA A 382 9.26 -5.01 -18.50
N GLU A 383 9.66 -5.26 -19.76
CA GLU A 383 9.10 -6.43 -20.49
C GLU A 383 7.63 -6.37 -20.07
N GLU A 384 7.11 -7.47 -19.54
CA GLU A 384 5.74 -7.39 -18.97
C GLU A 384 4.56 -7.38 -19.95
N GLU A 385 4.55 -6.43 -20.89
CA GLU A 385 3.49 -6.41 -21.89
C GLU A 385 3.86 -7.02 -23.23
N GLY A 386 5.06 -7.57 -23.38
CA GLY A 386 5.47 -8.12 -24.67
C GLY A 386 4.59 -9.27 -25.11
N PHE A 387 4.34 -10.21 -24.19
CA PHE A 387 3.41 -11.32 -24.51
C PHE A 387 1.99 -10.76 -24.65
N GLU A 388 1.71 -9.62 -24.00
CA GLU A 388 0.39 -9.01 -24.18
C GLU A 388 0.19 -8.57 -25.63
N ASN A 389 1.18 -7.90 -26.23
CA ASN A 389 1.03 -7.55 -27.64
C ASN A 389 1.08 -8.80 -28.51
N LEU A 390 1.83 -9.81 -28.09
CA LEU A 390 1.83 -11.08 -28.81
C LEU A 390 0.45 -11.70 -28.82
N TRP A 391 -0.24 -11.67 -27.67
CA TRP A 391 -1.60 -12.18 -27.59
C TRP A 391 -2.56 -11.34 -28.43
N THR A 392 -2.38 -10.02 -28.43
CA THR A 392 -3.27 -9.17 -29.23
C THR A 392 -3.12 -9.46 -30.72
N THR A 393 -1.88 -9.60 -31.19
CA THR A 393 -1.69 -9.90 -32.61
C THR A 393 -2.13 -11.32 -32.93
N ALA A 394 -2.00 -12.26 -31.98
CA ALA A 394 -2.53 -13.60 -32.19
C ALA A 394 -4.05 -13.58 -32.34
N SER A 395 -4.74 -12.79 -31.50
CA SER A 395 -6.18 -12.66 -31.63
C SER A 395 -6.57 -11.99 -32.94
N THR A 396 -5.84 -10.95 -33.33
CA THR A 396 -6.10 -10.33 -34.62
C THR A 396 -5.93 -11.35 -35.75
N PHE A 397 -4.89 -12.17 -35.68
CA PHE A 397 -4.61 -13.12 -36.74
C PHE A 397 -5.62 -14.25 -36.77
N ILE A 398 -6.14 -14.60 -35.60
CA ILE A 398 -7.24 -15.61 -35.55
C ILE A 398 -8.46 -14.99 -36.22
N VAL A 399 -8.65 -13.67 -36.04
CA VAL A 399 -9.79 -13.00 -36.66
C VAL A 399 -9.67 -13.01 -38.18
N LEU A 400 -8.47 -12.66 -38.67
CA LEU A 400 -8.23 -12.65 -40.13
C LEU A 400 -8.43 -14.06 -40.68
N PHE A 401 -7.86 -15.07 -40.01
CA PHE A 401 -7.97 -16.44 -40.49
C PHE A 401 -9.43 -16.87 -40.54
N LEU A 402 -10.22 -16.50 -39.53
CA LEU A 402 -11.64 -16.77 -39.57
C LEU A 402 -12.32 -16.09 -40.76
N LEU A 403 -11.94 -14.83 -41.03
CA LEU A 403 -12.54 -14.12 -42.16
C LEU A 403 -12.19 -14.81 -43.48
N SER A 404 -10.93 -15.21 -43.65
CA SER A 404 -10.53 -15.89 -44.87
C SER A 404 -11.24 -17.22 -45.03
N LEU A 405 -11.38 -17.97 -43.93
CA LEU A 405 -12.08 -19.25 -43.97
C LEU A 405 -13.55 -19.05 -44.36
N PHE A 406 -14.19 -18.04 -43.77
CA PHE A 406 -15.59 -17.76 -44.12
C PHE A 406 -15.72 -17.36 -45.58
N TYR A 407 -14.79 -16.55 -46.08
CA TYR A 407 -14.82 -16.15 -47.48
C TYR A 407 -14.70 -17.37 -48.39
N SER A 408 -13.75 -18.26 -48.09
CA SER A 408 -13.58 -19.46 -48.90
C SER A 408 -14.83 -20.34 -48.85
N THR A 409 -15.40 -20.50 -47.66
CA THR A 409 -16.62 -21.30 -47.52
C THR A 409 -17.76 -20.74 -48.34
N THR A 410 -17.95 -19.41 -48.29
CA THR A 410 -19.04 -18.80 -49.03
C THR A 410 -18.81 -18.90 -50.54
N VAL A 411 -17.56 -18.73 -50.98
CA VAL A 411 -17.26 -18.89 -52.41
C VAL A 411 -17.57 -20.30 -52.86
N THR A 412 -17.14 -21.29 -52.07
CA THR A 412 -17.40 -22.68 -52.44
C THR A 412 -18.90 -22.96 -52.50
N LEU A 413 -19.66 -22.46 -51.52
CA LEU A 413 -21.09 -22.69 -51.51
C LEU A 413 -21.76 -22.05 -52.71
N PHE A 414 -21.38 -20.80 -53.03
CA PHE A 414 -21.98 -20.11 -54.16
C PHE A 414 -21.64 -20.76 -55.49
N LYS A 415 -20.40 -21.24 -55.66
CA LYS A 415 -20.07 -21.98 -56.88
C LYS A 415 -20.85 -23.28 -56.95
N VAL A 416 -21.01 -23.97 -55.81
CA VAL A 416 -21.83 -25.18 -55.79
C VAL A 416 -23.29 -24.83 -56.03
N LYS A 417 -23.80 -23.81 -55.34
CA LYS A 417 -25.19 -23.40 -55.48
C LYS A 417 -25.33 -22.35 -56.57
N ILE B 165 -5.36 25.55 38.70
CA ILE B 165 -4.76 24.22 38.59
C ILE B 165 -5.70 23.27 37.86
N LEU B 166 -5.24 22.76 36.71
CA LEU B 166 -6.00 21.80 35.92
C LEU B 166 -5.26 20.47 35.92
N THR B 167 -5.96 19.41 36.31
CA THR B 167 -5.40 18.07 36.38
C THR B 167 -6.14 17.16 35.41
N PHE B 168 -5.39 16.31 34.71
CA PHE B 168 -5.97 15.40 33.73
C PHE B 168 -5.32 14.04 33.86
N THR B 169 -6.04 13.01 33.44
CA THR B 169 -5.57 11.64 33.46
C THR B 169 -5.47 11.11 32.04
N ILE B 170 -4.29 10.60 31.68
CA ILE B 170 -3.98 10.24 30.30
C ILE B 170 -3.73 8.73 30.23
N PRO B 171 -4.48 8.00 29.41
CA PRO B 171 -4.16 6.58 29.20
C PRO B 171 -2.86 6.43 28.42
N PRO B 172 -2.16 5.32 28.60
CA PRO B 172 -0.93 5.10 27.82
C PRO B 172 -1.24 4.83 26.36
N SER B 173 -0.23 5.07 25.51
CA SER B 173 -0.38 4.86 24.09
C SER B 173 -0.34 3.37 23.74
N PHE B 174 -0.84 3.06 22.54
CA PHE B 174 -0.86 1.67 22.09
C PHE B 174 0.54 1.09 21.93
N ALA B 175 1.48 1.90 21.45
CA ALA B 175 2.83 1.40 21.20
C ALA B 175 3.47 0.88 22.49
N ASP B 176 3.47 1.69 23.55
CA ASP B 176 4.02 1.25 24.82
C ASP B 176 3.20 0.12 25.43
N ILE B 177 1.89 0.14 25.22
CA ILE B 177 1.02 -0.91 25.77
C ILE B 177 1.42 -2.27 25.20
N PHE B 178 1.64 -2.33 23.89
CA PHE B 178 2.07 -3.60 23.29
C PHE B 178 3.54 -3.89 23.55
N LEU B 179 4.38 -2.86 23.70
CA LEU B 179 5.80 -3.09 23.89
C LEU B 179 6.09 -3.68 25.26
N SER B 180 5.51 -3.12 26.31
CA SER B 180 5.83 -3.54 27.67
C SER B 180 4.81 -4.52 28.24
N LYS B 181 3.65 -4.69 27.60
CA LYS B 181 2.58 -5.53 28.11
C LYS B 181 2.13 -5.11 29.51
N SER B 182 2.36 -3.84 29.84
CA SER B 182 2.01 -3.29 31.15
C SER B 182 1.68 -1.82 30.98
N ALA B 183 0.42 -1.45 31.17
CA ALA B 183 -0.01 -0.09 30.96
C ALA B 183 0.55 0.84 32.04
N ASN B 184 0.82 2.08 31.65
CA ASN B 184 1.33 3.11 32.56
C ASN B 184 0.27 4.20 32.69
N LEU B 185 -0.30 4.34 33.88
CA LEU B 185 -1.26 5.40 34.12
C LEU B 185 -0.56 6.75 34.23
N THR B 186 -1.34 7.82 34.08
CA THR B 186 -0.81 9.17 34.14
C THR B 186 -1.72 10.02 35.02
N CYS B 187 -1.11 10.77 35.94
CA CYS B 187 -1.80 11.73 36.78
C CYS B 187 -1.14 13.08 36.52
N LEU B 188 -1.60 13.77 35.48
CA LEU B 188 -0.98 15.01 35.01
C LEU B 188 -1.52 16.19 35.79
N VAL B 189 -0.66 16.83 36.57
CA VAL B 189 -1.00 18.04 37.32
C VAL B 189 -0.24 19.21 36.72
N SER B 190 -0.92 20.34 36.57
CA SER B 190 -0.35 21.51 35.92
C SER B 190 -0.63 22.75 36.76
N ASN B 191 0.07 23.84 36.41
CA ASN B 191 -0.09 25.13 37.07
C ASN B 191 0.22 25.04 38.56
N LEU B 192 1.30 24.36 38.90
CA LEU B 192 1.73 24.22 40.29
C LEU B 192 2.66 25.35 40.66
N ALA B 193 2.23 26.21 41.58
CA ALA B 193 3.10 27.28 42.07
C ALA B 193 4.27 26.71 42.85
N THR B 194 4.03 25.68 43.66
CA THR B 194 5.06 25.06 44.48
C THR B 194 5.05 23.56 44.27
N TYR B 195 6.20 22.93 44.53
CA TYR B 195 6.36 21.50 44.35
C TYR B 195 6.87 20.78 45.58
N GLU B 196 7.09 21.48 46.70
CA GLU B 196 7.62 20.83 47.88
C GLU B 196 6.59 19.95 48.57
N THR B 197 5.31 20.28 48.43
CA THR B 197 4.23 19.49 49.00
C THR B 197 3.57 18.57 47.99
N LEU B 198 4.13 18.48 46.78
CA LEU B 198 3.55 17.62 45.75
C LEU B 198 3.71 16.15 46.12
N ASN B 199 2.62 15.41 45.98
CA ASN B 199 2.62 13.98 46.31
C ASN B 199 1.56 13.30 45.46
N ILE B 200 1.98 12.44 44.54
CA ILE B 200 1.08 11.71 43.66
C ILE B 200 1.08 10.26 44.08
N SER B 201 -0.08 9.77 44.52
CA SER B 201 -0.25 8.38 44.94
C SER B 201 -1.33 7.74 44.08
N TRP B 202 -1.05 6.54 43.57
CA TRP B 202 -1.95 5.83 42.67
C TRP B 202 -2.54 4.62 43.38
N ALA B 203 -3.81 4.36 43.12
CA ALA B 203 -4.52 3.24 43.72
C ALA B 203 -5.71 2.88 42.86
N SER B 204 -6.31 1.73 43.17
CA SER B 204 -7.50 1.26 42.47
C SER B 204 -8.74 1.59 43.30
N GLN B 205 -9.91 1.25 42.76
CA GLN B 205 -11.16 1.50 43.47
C GLN B 205 -11.25 0.67 44.74
N SER B 206 -10.68 -0.53 44.74
CA SER B 206 -10.66 -1.37 45.93
C SER B 206 -9.65 -0.90 46.97
N GLY B 207 -8.81 0.08 46.64
CA GLY B 207 -7.85 0.61 47.59
C GLY B 207 -6.54 -0.12 47.64
N GLU B 208 -6.22 -0.93 46.64
CA GLU B 208 -4.98 -1.70 46.65
C GLU B 208 -3.79 -0.77 46.44
N PRO B 209 -2.78 -0.82 47.32
CA PRO B 209 -1.62 0.06 47.15
C PRO B 209 -0.83 -0.29 45.89
N LEU B 210 -0.27 0.74 45.26
CA LEU B 210 0.51 0.58 44.04
C LEU B 210 1.65 1.59 44.05
N GLU B 211 2.77 1.21 43.43
CA GLU B 211 3.89 2.12 43.29
C GLU B 211 3.58 3.20 42.26
N THR B 212 4.08 4.41 42.52
CA THR B 212 3.85 5.55 41.63
C THR B 212 5.19 6.18 41.27
N LYS B 213 5.45 6.29 39.97
CA LYS B 213 6.64 7.00 39.50
C LYS B 213 6.35 8.49 39.43
N ILE B 214 7.24 9.29 40.01
CA ILE B 214 7.07 10.74 40.06
C ILE B 214 8.20 11.38 39.27
N LYS B 215 7.84 12.16 38.25
CA LYS B 215 8.81 12.88 37.44
C LYS B 215 8.27 14.28 37.17
N ILE B 216 9.17 15.26 37.11
CA ILE B 216 8.82 16.66 36.97
C ILE B 216 9.33 17.16 35.62
N MET B 217 8.45 17.75 34.83
CA MET B 217 8.82 18.32 33.54
C MET B 217 9.49 19.68 33.75
N GLU B 218 10.01 20.23 32.65
CA GLU B 218 10.62 21.55 32.70
C GLU B 218 9.57 22.62 32.99
N SER B 219 9.99 23.66 33.69
CA SER B 219 9.07 24.74 34.06
C SER B 219 8.61 25.50 32.81
N HIS B 220 7.32 25.82 32.77
CA HIS B 220 6.76 26.57 31.67
C HIS B 220 7.27 28.02 31.70
N PRO B 221 7.27 28.69 30.55
CA PRO B 221 7.78 30.08 30.52
C PRO B 221 7.05 31.02 31.46
N ASN B 222 5.76 30.80 31.71
CA ASN B 222 5.01 31.67 32.60
C ASN B 222 5.39 31.47 34.07
N GLY B 223 6.20 30.46 34.39
CA GLY B 223 6.61 30.17 35.74
C GLY B 223 5.91 29.00 36.39
N THR B 224 4.87 28.49 35.72
CA THR B 224 4.11 27.33 36.24
C THR B 224 4.89 26.04 36.00
N PHE B 225 4.69 25.04 36.87
CA PHE B 225 5.34 23.76 36.76
C PHE B 225 4.34 22.68 36.37
N SER B 226 4.83 21.47 36.21
CA SER B 226 3.99 20.33 35.86
C SER B 226 4.62 19.06 36.43
N ALA B 227 3.77 18.05 36.63
CA ALA B 227 4.22 16.77 37.14
C ALA B 227 3.26 15.68 36.70
N LYS B 228 3.77 14.47 36.55
CA LYS B 228 2.96 13.33 36.12
C LYS B 228 3.28 12.13 36.99
N GLY B 229 2.25 11.35 37.30
CA GLY B 229 2.42 10.13 38.07
C GLY B 229 2.24 8.88 37.24
N VAL B 230 3.27 8.04 37.18
CA VAL B 230 3.28 6.85 36.34
C VAL B 230 3.15 5.63 37.24
N ALA B 231 2.16 4.80 36.96
CA ALA B 231 1.93 3.55 37.69
C ALA B 231 1.82 2.41 36.69
N SER B 232 2.55 1.33 36.96
CA SER B 232 2.59 0.18 36.05
C SER B 232 1.47 -0.79 36.40
N VAL B 233 0.55 -0.99 35.48
CA VAL B 233 -0.57 -1.91 35.65
C VAL B 233 -0.69 -2.75 34.38
N CYS B 234 -1.21 -3.96 34.54
CA CYS B 234 -1.36 -4.88 33.42
C CYS B 234 -2.39 -4.35 32.43
N VAL B 235 -2.19 -4.69 31.16
CA VAL B 235 -3.09 -4.25 30.10
C VAL B 235 -4.47 -4.90 30.27
N GLU B 236 -4.52 -6.11 30.81
CA GLU B 236 -5.79 -6.79 31.00
C GLU B 236 -6.72 -6.00 31.92
N ASP B 237 -6.16 -5.30 32.92
CA ASP B 237 -6.98 -4.44 33.76
C ASP B 237 -7.63 -3.32 32.95
N TRP B 238 -6.87 -2.72 32.03
CA TRP B 238 -7.44 -1.71 31.14
C TRP B 238 -8.50 -2.32 30.22
N ASN B 239 -8.29 -3.55 29.76
CA ASN B 239 -9.28 -4.21 28.92
C ASN B 239 -10.57 -4.49 29.67
N ASN B 240 -10.46 -4.71 30.99
CA ASN B 240 -11.63 -4.95 31.85
C ASN B 240 -12.22 -3.64 32.38
N ARG B 241 -11.93 -2.52 31.72
CA ARG B 241 -12.37 -1.17 32.11
C ARG B 241 -12.28 -0.97 33.62
N LYS B 242 -11.14 -1.34 34.19
CA LYS B 242 -10.92 -1.21 35.62
C LYS B 242 -10.65 0.24 36.00
N GLU B 243 -11.19 0.65 37.14
CA GLU B 243 -11.06 2.02 37.62
C GLU B 243 -9.87 2.16 38.54
N PHE B 244 -9.16 3.30 38.41
CA PHE B 244 -7.99 3.60 39.23
C PHE B 244 -8.11 5.02 39.74
N VAL B 245 -7.60 5.27 40.94
CA VAL B 245 -7.72 6.57 41.61
C VAL B 245 -6.32 7.10 41.92
N CYS B 246 -6.10 8.36 41.57
CA CYS B 246 -4.86 9.06 41.90
C CYS B 246 -5.18 10.13 42.94
N THR B 247 -4.51 10.06 44.09
CA THR B 247 -4.76 10.98 45.20
C THR B 247 -3.63 11.99 45.26
N VAL B 248 -3.99 13.28 45.19
CA VAL B 248 -3.03 14.38 45.23
C VAL B 248 -3.42 15.32 46.36
N THR B 249 -2.49 15.60 47.26
CA THR B 249 -2.69 16.54 48.36
C THR B 249 -1.67 17.67 48.19
N HIS B 250 -2.13 18.82 47.71
CA HIS B 250 -1.27 19.96 47.43
C HIS B 250 -1.67 21.15 48.30
N ARG B 251 -0.69 21.98 48.62
CA ARG B 251 -0.95 23.16 49.45
C ARG B 251 -1.77 24.20 48.71
N ASP B 252 -1.64 24.28 47.38
CA ASP B 252 -2.43 25.21 46.60
C ASP B 252 -3.87 24.76 46.43
N LEU B 253 -4.15 23.47 46.59
CA LEU B 253 -5.49 22.96 46.42
C LEU B 253 -6.21 22.96 47.76
N PRO B 254 -7.37 23.62 47.88
CA PRO B 254 -8.07 23.65 49.17
C PRO B 254 -8.47 22.28 49.68
N SER B 255 -8.79 21.34 48.78
CA SER B 255 -9.21 20.00 49.18
C SER B 255 -8.51 18.96 48.31
N PRO B 256 -8.33 17.75 48.83
CA PRO B 256 -7.78 16.67 48.00
C PRO B 256 -8.71 16.37 46.83
N GLN B 257 -8.11 15.99 45.70
CA GLN B 257 -8.83 15.81 44.45
C GLN B 257 -8.87 14.32 44.09
N LYS B 258 -10.08 13.80 43.89
CA LYS B 258 -10.30 12.40 43.60
C LYS B 258 -10.83 12.23 42.18
N LYS B 259 -10.13 11.43 41.37
CA LYS B 259 -10.45 11.23 39.96
C LYS B 259 -10.27 9.76 39.61
N PHE B 260 -10.90 9.35 38.52
CA PHE B 260 -10.88 7.96 38.09
C PHE B 260 -10.63 7.86 36.59
N ILE B 261 -9.78 6.90 36.20
CA ILE B 261 -9.50 6.60 34.81
C ILE B 261 -9.93 5.18 34.54
N SER B 262 -10.59 4.96 33.40
CA SER B 262 -11.02 3.63 33.00
C SER B 262 -11.18 3.61 31.49
N LYS B 263 -11.42 2.42 30.97
CA LYS B 263 -11.65 2.28 29.55
C LYS B 263 -12.94 3.01 29.17
N PRO B 264 -12.96 3.73 28.05
CA PRO B 264 -14.21 4.33 27.58
C PRO B 264 -15.23 3.25 27.22
N ASN B 265 -16.48 3.70 27.07
CA ASN B 265 -17.57 2.77 26.83
C ASN B 265 -17.43 2.11 25.46
N GLU B 266 -18.34 1.16 25.20
CA GLU B 266 -18.32 0.41 23.95
C GLU B 266 -18.50 1.34 22.76
N VAL B 267 -17.65 1.16 21.76
CA VAL B 267 -17.71 1.94 20.53
C VAL B 267 -17.46 1.01 19.36
N HIS B 268 -17.99 1.37 18.19
CA HIS B 268 -17.81 0.56 16.99
C HIS B 268 -16.33 0.38 16.69
N LYS B 269 -15.97 -0.85 16.33
CA LYS B 269 -14.59 -1.21 16.02
C LYS B 269 -14.46 -1.54 14.54
N HIS B 270 -13.35 -1.12 13.95
CA HIS B 270 -13.09 -1.40 12.55
C HIS B 270 -11.59 -1.49 12.31
N PRO B 271 -11.07 -2.64 11.88
CA PRO B 271 -9.64 -2.76 11.65
C PRO B 271 -9.21 -1.88 10.49
N PRO B 272 -7.99 -1.36 10.52
CA PRO B 272 -7.53 -0.49 9.43
C PRO B 272 -7.38 -1.24 8.12
N ALA B 273 -7.58 -0.51 7.03
CA ALA B 273 -7.36 -1.01 5.67
C ALA B 273 -6.09 -0.38 5.15
N VAL B 274 -4.99 -1.13 5.17
CA VAL B 274 -3.67 -0.56 4.77
C VAL B 274 -3.58 -0.50 3.23
N TYR B 275 -2.95 0.55 2.70
CA TYR B 275 -2.77 0.69 1.23
C TYR B 275 -1.42 1.37 0.94
N LEU B 276 -0.52 0.73 0.22
CA LEU B 276 0.82 1.34 0.04
C LEU B 276 0.95 1.88 -1.39
N LEU B 277 1.02 3.20 -1.56
CA LEU B 277 1.11 3.88 -2.85
C LEU B 277 2.56 4.06 -3.26
N PRO B 278 2.95 3.63 -4.46
CA PRO B 278 4.31 3.87 -4.92
C PRO B 278 4.46 5.27 -5.48
N PRO B 279 5.69 5.78 -5.56
CA PRO B 279 5.88 7.15 -6.04
C PRO B 279 5.46 7.30 -7.50
N ALA B 280 4.96 8.48 -7.83
CA ALA B 280 4.50 8.76 -9.18
C ALA B 280 5.68 8.91 -10.13
N ARG B 281 5.41 8.62 -11.41
CA ARG B 281 6.46 8.72 -12.42
C ARG B 281 7.02 10.12 -12.51
N GLU B 282 6.15 11.13 -12.41
CA GLU B 282 6.61 12.51 -12.44
C GLU B 282 7.58 12.79 -11.30
N GLN B 283 7.33 12.24 -10.11
CA GLN B 283 8.25 12.42 -9.00
C GLN B 283 9.61 11.80 -9.29
N LEU B 284 9.61 10.62 -9.92
CA LEU B 284 10.87 10.00 -10.30
C LEU B 284 11.60 10.77 -11.40
N ASN B 285 10.86 11.56 -12.19
CA ASN B 285 11.49 12.26 -13.30
C ASN B 285 12.48 13.33 -12.84
N LEU B 286 12.27 13.91 -11.66
CA LEU B 286 13.23 14.91 -11.16
C LEU B 286 14.49 14.28 -10.59
N ARG B 287 14.59 12.95 -10.59
CA ARG B 287 15.77 12.18 -10.17
C ARG B 287 16.38 12.69 -8.87
N GLU B 288 15.58 13.31 -8.00
CA GLU B 288 16.09 13.85 -6.74
C GLU B 288 15.90 12.87 -5.59
N SER B 289 14.66 12.52 -5.28
CA SER B 289 14.35 11.61 -4.18
C SER B 289 12.96 11.04 -4.40
N ALA B 290 12.63 10.00 -3.64
CA ALA B 290 11.33 9.35 -3.72
C ALA B 290 10.71 9.31 -2.33
N THR B 291 9.40 9.54 -2.27
CA THR B 291 8.65 9.50 -1.01
C THR B 291 7.61 8.38 -1.12
N VAL B 292 7.92 7.24 -0.51
CA VAL B 292 6.99 6.12 -0.50
C VAL B 292 5.96 6.36 0.60
N THR B 293 4.68 6.28 0.25
CA THR B 293 3.58 6.58 1.16
C THR B 293 2.64 5.40 1.25
N CYS B 294 2.30 5.00 2.47
CA CYS B 294 1.30 3.97 2.70
C CYS B 294 0.12 4.60 3.44
N LEU B 295 -1.06 4.53 2.83
CA LEU B 295 -2.26 5.09 3.42
C LEU B 295 -2.93 4.06 4.30
N VAL B 296 -3.25 4.44 5.53
CA VAL B 296 -3.96 3.60 6.48
C VAL B 296 -5.28 4.29 6.77
N LYS B 297 -6.38 3.69 6.33
CA LYS B 297 -7.69 4.31 6.37
C LYS B 297 -8.72 3.37 6.99
N GLY B 298 -9.59 3.93 7.82
CA GLY B 298 -10.75 3.22 8.30
C GLY B 298 -10.59 2.47 9.60
N PHE B 299 -10.08 3.15 10.62
CA PHE B 299 -9.97 2.58 11.96
C PHE B 299 -10.60 3.53 12.96
N SER B 300 -11.40 2.94 13.86
CA SER B 300 -12.15 3.75 14.85
C SER B 300 -11.23 4.24 15.97
N PRO B 301 -10.35 3.41 16.58
CA PRO B 301 -9.45 3.92 17.61
C PRO B 301 -8.30 4.71 16.99
N ALA B 302 -8.03 5.88 17.54
CA ALA B 302 -6.96 6.72 17.01
C ALA B 302 -5.57 6.21 17.38
N ASP B 303 -5.48 5.28 18.33
CA ASP B 303 -4.19 4.76 18.78
C ASP B 303 -3.69 3.75 17.75
N ILE B 304 -2.92 4.24 16.79
CA ILE B 304 -2.33 3.42 15.73
C ILE B 304 -0.88 3.82 15.56
N SER B 305 0.00 2.83 15.49
CA SER B 305 1.43 3.02 15.29
C SER B 305 1.83 2.45 13.93
N VAL B 306 2.44 3.28 13.10
CA VAL B 306 2.87 2.88 11.76
C VAL B 306 4.38 3.02 11.68
N GLN B 307 5.05 1.95 11.27
CA GLN B 307 6.50 1.93 11.13
C GLN B 307 6.85 1.48 9.72
N TRP B 308 8.14 1.59 9.39
CA TRP B 308 8.65 1.20 8.09
C TRP B 308 9.91 0.38 8.25
N LEU B 309 10.14 -0.54 7.30
CA LEU B 309 11.29 -1.43 7.35
C LEU B 309 12.08 -1.35 6.04
N GLN B 310 13.40 -1.48 6.15
CA GLN B 310 14.30 -1.54 5.01
C GLN B 310 15.06 -2.86 5.07
N ARG B 311 14.78 -3.75 4.11
CA ARG B 311 15.36 -5.10 4.08
C ARG B 311 15.08 -5.84 5.38
N GLY B 312 13.93 -5.59 6.01
CA GLY B 312 13.62 -6.15 7.30
C GLY B 312 14.29 -5.47 8.47
N GLN B 313 14.99 -4.36 8.25
CA GLN B 313 15.63 -3.61 9.32
C GLN B 313 14.79 -2.40 9.69
N LEU B 314 14.65 -2.16 10.99
CA LEU B 314 13.84 -1.05 11.47
C LEU B 314 14.43 0.28 11.02
N LEU B 315 13.54 1.21 10.65
CA LEU B 315 13.94 2.54 10.21
C LEU B 315 13.66 3.56 11.31
N PRO B 316 14.61 4.46 11.58
CA PRO B 316 14.38 5.47 12.61
C PRO B 316 13.28 6.43 12.22
N GLN B 317 12.63 7.00 13.23
CA GLN B 317 11.52 7.92 13.01
C GLN B 317 11.98 9.25 12.42
N GLU B 318 13.29 9.50 12.35
CA GLU B 318 13.78 10.72 11.72
C GLU B 318 13.79 10.62 10.19
N LYS B 319 13.55 9.43 9.63
CA LYS B 319 13.54 9.25 8.18
C LYS B 319 12.13 9.22 7.59
N TYR B 320 11.09 9.26 8.42
CA TYR B 320 9.72 9.26 7.93
C TYR B 320 8.83 9.95 8.95
N VAL B 321 7.67 10.39 8.44
CA VAL B 321 6.69 11.09 9.31
C VAL B 321 5.33 10.39 9.18
N THR B 322 4.50 10.50 10.21
CA THR B 322 3.17 9.89 10.23
C THR B 322 2.19 10.94 10.72
N SER B 323 1.26 11.34 9.83
CA SER B 323 0.27 12.34 10.21
C SER B 323 -0.65 11.80 11.29
N ALA B 324 -0.99 12.66 12.25
CA ALA B 324 -1.92 12.26 13.29
C ALA B 324 -3.27 11.92 12.67
N PRO B 325 -3.96 10.90 13.20
CA PRO B 325 -5.22 10.47 12.59
C PRO B 325 -6.23 11.61 12.52
N MET B 326 -6.89 11.72 11.36
CA MET B 326 -7.88 12.73 11.10
C MET B 326 -9.19 12.06 10.71
N PRO B 327 -10.33 12.58 11.15
CA PRO B 327 -11.60 11.90 10.92
C PRO B 327 -11.85 11.64 9.44
N GLU B 328 -12.39 10.46 9.15
CA GLU B 328 -12.64 10.06 7.78
C GLU B 328 -13.82 10.84 7.20
N PRO B 329 -13.66 11.50 6.05
CA PRO B 329 -14.80 12.17 5.43
C PRO B 329 -15.86 11.17 5.00
N GLY B 330 -17.12 11.57 5.12
CA GLY B 330 -18.22 10.74 4.70
C GLY B 330 -18.57 9.61 5.63
N ALA B 331 -17.87 9.47 6.76
CA ALA B 331 -18.12 8.39 7.71
C ALA B 331 -17.64 8.81 9.09
N PRO B 332 -18.52 9.34 9.93
CA PRO B 332 -18.08 9.79 11.26
C PRO B 332 -17.65 8.62 12.13
N GLY B 333 -16.67 8.90 12.99
CA GLY B 333 -16.13 7.93 13.91
C GLY B 333 -14.92 7.18 13.40
N PHE B 334 -14.69 7.17 12.10
CA PHE B 334 -13.55 6.48 11.50
C PHE B 334 -12.42 7.46 11.24
N TYR B 335 -11.19 6.99 11.41
CA TYR B 335 -10.01 7.83 11.30
C TYR B 335 -9.07 7.27 10.24
N PHE B 336 -8.32 8.17 9.59
CA PHE B 336 -7.35 7.79 8.58
C PHE B 336 -6.06 8.56 8.82
N THR B 337 -4.96 8.03 8.31
CA THR B 337 -3.65 8.65 8.48
C THR B 337 -2.74 8.23 7.35
N HIS B 338 -1.65 8.96 7.20
CA HIS B 338 -0.64 8.71 6.18
C HIS B 338 0.73 8.54 6.83
N SER B 339 1.66 7.98 6.07
CA SER B 339 3.04 7.86 6.51
C SER B 339 3.92 7.94 5.27
N ILE B 340 4.84 8.89 5.24
CA ILE B 340 5.66 9.16 4.06
C ILE B 340 7.08 8.71 4.36
N LEU B 341 7.58 7.78 3.57
CA LEU B 341 8.95 7.27 3.71
C LEU B 341 9.79 7.90 2.60
N THR B 342 10.37 9.06 2.91
CA THR B 342 11.25 9.74 1.97
C THR B 342 12.55 8.97 1.87
N VAL B 343 12.84 8.44 0.68
CA VAL B 343 14.02 7.61 0.44
C VAL B 343 14.83 8.23 -0.68
N THR B 344 16.15 8.21 -0.54
CA THR B 344 17.03 8.73 -1.57
C THR B 344 16.88 7.90 -2.84
N GLU B 345 17.05 8.57 -4.00
CA GLU B 345 16.84 7.90 -5.27
C GLU B 345 17.81 6.74 -5.48
N GLU B 346 19.02 6.85 -4.93
CA GLU B 346 19.98 5.75 -5.06
C GLU B 346 19.50 4.50 -4.34
N GLU B 347 18.87 4.67 -3.16
CA GLU B 347 18.40 3.51 -2.41
C GLU B 347 17.20 2.87 -3.08
N TRP B 348 16.26 3.69 -3.57
CA TRP B 348 15.08 3.14 -4.24
C TRP B 348 15.43 2.57 -5.61
N ASN B 349 16.53 3.05 -6.21
CA ASN B 349 16.94 2.60 -7.54
C ASN B 349 17.47 1.18 -7.55
N SER B 350 17.88 0.63 -6.42
CA SER B 350 18.46 -0.69 -6.34
C SER B 350 17.41 -1.80 -6.20
N GLY B 351 16.16 -1.52 -6.54
CA GLY B 351 15.13 -2.52 -6.41
C GLY B 351 14.78 -2.90 -4.99
N GLU B 352 14.95 -1.97 -4.05
CA GLU B 352 14.67 -2.24 -2.65
C GLU B 352 13.19 -2.57 -2.44
N THR B 353 12.93 -3.48 -1.50
CA THR B 353 11.57 -3.78 -1.08
C THR B 353 11.25 -2.96 0.17
N TYR B 354 10.21 -2.13 0.07
CA TYR B 354 9.84 -1.22 1.14
C TYR B 354 8.48 -1.59 1.67
N THR B 355 8.35 -1.64 3.00
CA THR B 355 7.11 -2.07 3.64
C THR B 355 6.80 -1.17 4.82
N CYS B 356 5.52 -1.04 5.13
CA CYS B 356 5.05 -0.34 6.32
C CYS B 356 4.19 -1.28 7.13
N VAL B 357 4.50 -1.40 8.43
CA VAL B 357 3.76 -2.26 9.34
C VAL B 357 2.80 -1.38 10.13
N VAL B 358 1.61 -1.89 10.40
CA VAL B 358 0.54 -1.13 11.04
C VAL B 358 0.10 -1.90 12.26
N GLY B 359 0.52 -1.43 13.44
CA GLY B 359 0.04 -1.96 14.69
C GLY B 359 -1.17 -1.19 15.16
N HIS B 360 -2.26 -1.90 15.41
CA HIS B 360 -3.51 -1.25 15.76
C HIS B 360 -4.39 -2.21 16.54
N GLU B 361 -5.16 -1.66 17.47
CA GLU B 361 -5.91 -2.50 18.42
C GLU B 361 -7.01 -3.28 17.72
N ALA B 362 -7.75 -2.65 16.81
CA ALA B 362 -8.90 -3.31 16.20
C ALA B 362 -8.50 -4.42 15.24
N LEU B 363 -7.22 -4.54 14.91
CA LEU B 363 -6.78 -5.59 14.01
C LEU B 363 -7.03 -6.96 14.66
N PRO B 364 -7.46 -7.96 13.89
CA PRO B 364 -7.69 -9.29 14.48
C PRO B 364 -6.44 -9.89 15.09
N HIS B 365 -5.25 -9.47 14.64
CA HIS B 365 -3.96 -10.00 15.17
C HIS B 365 -3.15 -8.88 15.84
N LEU B 366 -3.65 -7.65 15.82
CA LEU B 366 -3.03 -6.48 16.41
C LEU B 366 -1.88 -5.91 15.59
N VAL B 367 -1.55 -6.49 14.43
CA VAL B 367 -0.45 -5.99 13.61
C VAL B 367 -0.57 -6.57 12.20
N THR B 368 -0.30 -5.75 11.19
CA THR B 368 -0.27 -6.22 9.81
C THR B 368 0.92 -5.64 9.07
N GLU B 369 1.00 -5.89 7.76
CA GLU B 369 2.14 -5.46 6.98
C GLU B 369 1.74 -5.44 5.51
N ARG B 370 2.26 -4.41 4.80
CA ARG B 370 1.98 -4.23 3.36
C ARG B 370 3.31 -3.95 2.66
N THR B 371 3.47 -4.39 1.40
CA THR B 371 4.74 -4.29 0.70
C THR B 371 4.55 -3.66 -0.67
N VAL B 372 5.63 -3.03 -1.16
CA VAL B 372 5.68 -2.51 -2.52
C VAL B 372 7.14 -2.30 -2.87
N ASP B 373 7.46 -2.37 -4.16
CA ASP B 373 8.83 -2.18 -4.63
C ASP B 373 8.78 -1.67 -6.07
N LYS B 374 9.92 -1.75 -6.77
CA LYS B 374 9.98 -1.30 -8.16
C LYS B 374 9.00 -2.02 -9.07
N SER B 375 8.64 -3.27 -8.73
CA SER B 375 7.79 -4.05 -9.61
C SER B 375 6.48 -3.35 -9.89
N THR B 376 5.76 -2.95 -8.85
CA THR B 376 4.53 -2.15 -8.94
C THR B 376 3.42 -2.95 -9.61
N GLU B 377 3.75 -4.16 -10.07
CA GLU B 377 2.79 -5.09 -10.65
C GLU B 377 2.85 -6.41 -9.88
N GLY B 378 2.95 -6.28 -8.55
CA GLY B 378 3.15 -7.43 -7.69
C GLY B 378 1.87 -8.20 -7.40
N GLU B 379 1.01 -8.32 -8.41
CA GLU B 379 -0.18 -9.15 -8.27
C GLU B 379 0.21 -10.60 -8.05
N VAL B 380 -0.52 -11.26 -7.16
CA VAL B 380 -0.26 -12.65 -6.81
C VAL B 380 -1.15 -13.53 -7.69
N ASN B 381 -0.53 -14.29 -8.59
CA ASN B 381 -1.27 -15.15 -9.51
C ASN B 381 -0.62 -16.51 -9.71
N ALA B 382 0.46 -16.83 -9.01
CA ALA B 382 1.24 -18.06 -9.22
C ALA B 382 1.65 -18.08 -10.69
N GLU B 383 1.45 -19.21 -11.36
CA GLU B 383 1.80 -19.32 -12.80
C GLU B 383 0.55 -19.68 -13.62
N GLU B 384 0.04 -18.74 -14.41
CA GLU B 384 -1.11 -19.01 -15.26
C GLU B 384 -0.79 -18.85 -16.74
N GLU B 385 -0.16 -17.74 -17.13
CA GLU B 385 0.14 -17.43 -18.51
C GLU B 385 1.64 -17.19 -18.68
N GLY B 386 2.03 -16.77 -19.88
CA GLY B 386 3.43 -16.51 -20.17
C GLY B 386 4.24 -17.73 -20.54
N PHE B 387 3.62 -18.89 -20.66
CA PHE B 387 4.33 -20.11 -21.02
C PHE B 387 4.77 -20.06 -22.49
N GLU B 388 5.71 -20.93 -22.84
CA GLU B 388 6.18 -21.00 -24.21
C GLU B 388 5.09 -21.49 -25.17
N ASN B 389 4.01 -22.06 -24.63
CA ASN B 389 2.90 -22.48 -25.47
C ASN B 389 2.28 -21.29 -26.20
N LEU B 390 2.28 -20.11 -25.59
CA LEU B 390 1.76 -18.93 -26.27
C LEU B 390 2.58 -18.61 -27.52
N TRP B 391 3.90 -18.67 -27.40
CA TRP B 391 4.76 -18.50 -28.57
C TRP B 391 4.50 -19.59 -29.60
N THR B 392 4.30 -20.82 -29.14
CA THR B 392 4.03 -21.93 -30.06
C THR B 392 2.76 -21.67 -30.87
N THR B 393 1.68 -21.26 -30.20
CA THR B 393 0.45 -20.94 -30.91
C THR B 393 0.63 -19.75 -31.84
N ALA B 394 1.37 -18.72 -31.41
CA ALA B 394 1.57 -17.56 -32.27
C ALA B 394 2.28 -17.95 -33.55
N SER B 395 3.34 -18.75 -33.44
CA SER B 395 4.08 -19.18 -34.63
C SER B 395 3.24 -20.09 -35.51
N THR B 396 2.59 -21.10 -34.91
CA THR B 396 1.79 -22.01 -35.70
C THR B 396 0.63 -21.30 -36.37
N PHE B 397 0.16 -20.22 -35.75
CA PHE B 397 -0.95 -19.43 -36.35
C PHE B 397 -0.41 -18.58 -37.50
N ILE B 398 0.77 -17.95 -37.32
CA ILE B 398 1.35 -17.23 -38.45
C ILE B 398 1.43 -18.16 -39.65
N VAL B 399 1.91 -19.38 -39.42
CA VAL B 399 1.94 -20.39 -40.49
C VAL B 399 0.53 -20.67 -40.99
N LEU B 400 -0.43 -20.75 -40.07
CA LEU B 400 -1.82 -21.02 -40.45
C LEU B 400 -2.39 -19.90 -41.32
N PHE B 401 -2.12 -18.64 -40.98
CA PHE B 401 -2.55 -17.52 -41.80
C PHE B 401 -1.95 -17.61 -43.20
N LEU B 402 -0.64 -17.89 -43.27
CA LEU B 402 0.01 -18.01 -44.58
C LEU B 402 -0.64 -19.11 -45.42
N LEU B 403 -0.81 -20.29 -44.84
CA LEU B 403 -1.40 -21.40 -45.58
C LEU B 403 -2.85 -21.13 -45.97
N SER B 404 -3.64 -20.51 -45.09
CA SER B 404 -5.03 -20.22 -45.41
C SER B 404 -5.13 -19.23 -46.57
N LEU B 405 -4.32 -18.18 -46.53
CA LEU B 405 -4.34 -17.20 -47.62
C LEU B 405 -3.89 -17.84 -48.92
N PHE B 406 -2.82 -18.64 -48.88
CA PHE B 406 -2.35 -19.30 -50.09
C PHE B 406 -3.41 -20.25 -50.65
N TYR B 407 -4.08 -20.97 -49.74
CA TYR B 407 -5.15 -21.92 -50.15
C TYR B 407 -6.29 -21.14 -50.83
N SER B 408 -6.70 -20.02 -50.23
CA SER B 408 -7.79 -19.24 -50.81
C SER B 408 -7.42 -18.70 -52.18
N THR B 409 -6.18 -18.21 -52.34
CA THR B 409 -5.75 -17.72 -53.64
C THR B 409 -5.71 -18.84 -54.67
N THR B 410 -5.19 -20.01 -54.28
CA THR B 410 -5.18 -21.15 -55.19
C THR B 410 -6.59 -21.59 -55.55
N VAL B 411 -7.52 -21.50 -54.61
CA VAL B 411 -8.92 -21.84 -54.89
C VAL B 411 -9.48 -20.89 -55.93
N THR B 412 -9.20 -19.59 -55.78
CA THR B 412 -9.67 -18.62 -56.76
C THR B 412 -9.06 -18.89 -58.14
N LEU B 413 -7.77 -19.19 -58.20
CA LEU B 413 -7.12 -19.44 -59.48
C LEU B 413 -7.59 -20.76 -60.11
N PHE B 414 -7.94 -21.74 -59.28
CA PHE B 414 -8.47 -23.00 -59.81
C PHE B 414 -9.91 -22.82 -60.26
N LYS B 415 -10.65 -21.90 -59.65
CA LYS B 415 -11.90 -21.46 -60.22
C LYS B 415 -11.67 -20.84 -61.59
N VAL B 416 -10.63 -20.03 -61.73
CA VAL B 416 -10.25 -19.50 -63.04
C VAL B 416 -9.86 -20.64 -63.97
N LYS B 417 -9.08 -21.59 -63.47
CA LYS B 417 -8.66 -22.74 -64.27
C LYS B 417 -8.26 -23.91 -63.36
N ALA C 36 14.85 -33.66 23.11
CA ALA C 36 14.65 -35.11 23.07
C ALA C 36 13.43 -35.47 22.24
N LEU C 37 12.85 -34.46 21.59
CA LEU C 37 11.66 -34.65 20.76
C LEU C 37 11.74 -33.72 19.55
N ARG C 38 10.98 -34.08 18.52
CA ARG C 38 10.92 -33.31 17.28
C ARG C 38 9.46 -32.99 16.97
N VAL C 39 9.24 -32.26 15.88
CA VAL C 39 7.91 -31.88 15.46
C VAL C 39 7.95 -31.59 13.97
N GLU C 40 6.96 -32.11 13.23
CA GLU C 40 6.90 -31.88 11.81
C GLU C 40 6.62 -30.40 11.53
N GLY C 41 7.38 -29.83 10.59
CA GLY C 41 7.28 -28.41 10.33
C GLY C 41 6.02 -27.98 9.61
N GLY C 42 5.38 -28.89 8.89
CA GLY C 42 4.20 -28.56 8.13
C GLY C 42 4.54 -27.82 6.85
N PRO C 43 3.53 -27.36 6.13
CA PRO C 43 3.77 -26.63 4.88
C PRO C 43 4.49 -25.32 5.17
N PRO C 44 5.53 -24.99 4.39
CA PRO C 44 6.22 -23.72 4.60
C PRO C 44 5.38 -22.51 4.24
N SER C 45 4.37 -22.68 3.39
CA SER C 45 3.46 -21.60 3.04
C SER C 45 2.07 -22.20 2.87
N LEU C 46 1.09 -21.33 2.65
CA LEU C 46 -0.28 -21.80 2.51
C LEU C 46 -1.07 -20.74 1.74
N THR C 47 -2.08 -21.21 1.01
CA THR C 47 -2.95 -20.33 0.24
C THR C 47 -4.39 -20.69 0.52
N VAL C 48 -5.26 -19.66 0.50
CA VAL C 48 -6.67 -19.85 0.77
C VAL C 48 -7.43 -18.72 0.11
N ASN C 49 -8.63 -19.02 -0.40
CA ASN C 49 -9.48 -18.00 -0.98
C ASN C 49 -10.05 -17.09 0.11
N LEU C 50 -10.27 -15.83 -0.25
CA LEU C 50 -10.88 -14.89 0.68
C LEU C 50 -12.30 -15.33 1.01
N GLY C 51 -12.66 -15.25 2.29
CA GLY C 51 -13.96 -15.71 2.72
C GLY C 51 -14.11 -17.21 2.85
N GLU C 52 -13.02 -17.96 2.71
CA GLU C 52 -13.03 -19.41 2.83
C GLU C 52 -12.22 -19.84 4.04
N GLU C 53 -12.63 -20.93 4.66
CA GLU C 53 -11.98 -21.41 5.87
C GLU C 53 -10.56 -21.87 5.58
N ALA C 54 -9.65 -21.54 6.50
CA ALA C 54 -8.27 -21.98 6.42
C ALA C 54 -7.92 -22.69 7.72
N ARG C 55 -7.43 -23.92 7.61
CA ARG C 55 -7.13 -24.76 8.77
C ARG C 55 -5.64 -25.02 8.82
N LEU C 56 -5.06 -24.89 10.01
CA LEU C 56 -3.60 -25.06 10.07
C LEU C 56 -3.31 -26.52 10.44
N THR C 57 -2.07 -26.80 10.84
CA THR C 57 -1.68 -28.14 11.26
C THR C 57 -0.44 -28.07 12.12
N CYS C 58 -0.34 -29.00 13.08
CA CYS C 58 0.86 -29.20 13.89
C CYS C 58 0.99 -30.69 14.19
N GLU C 59 1.86 -31.38 13.44
CA GLU C 59 2.09 -32.81 13.61
C GLU C 59 3.32 -33.03 14.47
N ASN C 60 3.19 -33.89 15.47
CA ASN C 60 4.29 -34.16 16.39
C ASN C 60 4.21 -35.61 16.86
N ASN C 61 5.35 -36.10 17.36
CA ASN C 61 5.48 -37.47 17.81
C ASN C 61 5.01 -37.67 19.25
N GLY C 62 4.64 -36.61 19.94
CA GLY C 62 4.26 -36.72 21.33
C GLY C 62 2.94 -37.45 21.51
N ARG C 63 2.69 -37.85 22.76
CA ARG C 63 1.47 -38.58 23.09
C ARG C 63 0.26 -37.63 23.11
N ASN C 64 0.32 -36.60 23.95
CA ASN C 64 -0.71 -35.58 24.05
C ASN C 64 -0.13 -34.34 24.69
N PRO C 65 0.89 -33.68 24.08
CA PRO C 65 1.74 -32.71 24.77
C PRO C 65 1.44 -31.25 24.49
N ASN C 66 1.81 -30.38 25.40
CA ASN C 66 1.17 -29.03 25.44
C ASN C 66 1.42 -28.31 24.11
N ILE C 67 0.35 -27.73 23.52
CA ILE C 67 0.40 -27.06 22.18
C ILE C 67 -0.20 -25.66 22.26
N THR C 68 0.39 -24.75 21.48
CA THR C 68 0.16 -23.28 21.49
C THR C 68 0.32 -22.74 20.07
N TRP C 69 -0.35 -21.63 19.75
CA TRP C 69 -0.22 -21.00 18.41
C TRP C 69 0.39 -19.60 18.56
N TRP C 70 1.55 -19.36 17.96
CA TRP C 70 2.23 -18.07 18.11
C TRP C 70 2.33 -17.39 16.75
N PHE C 71 1.36 -16.54 16.44
CA PHE C 71 1.38 -15.76 15.20
C PHE C 71 2.50 -14.72 15.24
N SER C 72 3.07 -14.44 14.07
CA SER C 72 4.14 -13.47 13.94
C SER C 72 4.03 -12.83 12.56
N LEU C 73 5.09 -12.13 12.16
CA LEU C 73 5.15 -11.50 10.84
C LEU C 73 6.42 -11.97 10.13
N GLN C 74 6.60 -11.48 8.90
CA GLN C 74 7.65 -12.02 8.04
C GLN C 74 9.05 -11.75 8.60
N SER C 75 9.33 -10.49 8.92
CA SER C 75 10.73 -10.17 9.32
C SER C 75 10.80 -9.62 10.73
N ASN C 76 11.89 -8.92 11.04
CA ASN C 76 12.09 -8.37 12.41
C ASN C 76 11.22 -7.13 12.58
N ILE C 77 10.15 -7.24 13.36
CA ILE C 77 9.26 -6.06 13.63
C ILE C 77 9.51 -5.61 15.08
N THR C 78 8.82 -4.56 15.52
CA THR C 78 9.02 -4.04 16.90
C THR C 78 8.04 -4.65 17.90
N TRP C 79 7.32 -5.71 17.50
CA TRP C 79 6.31 -6.31 18.40
C TRP C 79 6.62 -7.79 18.64
N PRO C 80 6.38 -8.32 19.86
CA PRO C 80 6.59 -9.74 20.13
C PRO C 80 5.53 -10.58 19.43
N PRO C 81 5.77 -11.87 19.26
CA PRO C 81 4.76 -12.73 18.60
C PRO C 81 3.44 -12.71 19.35
N VAL C 82 2.35 -12.75 18.59
CA VAL C 82 1.00 -12.66 19.15
C VAL C 82 0.47 -14.07 19.33
N PRO C 83 0.31 -14.55 20.57
CA PRO C 83 -0.26 -15.89 20.77
C PRO C 83 -1.75 -15.90 20.48
N LEU C 84 -2.19 -16.92 19.74
CA LEU C 84 -3.59 -17.11 19.39
C LEU C 84 -4.26 -18.00 20.44
N GLY C 85 -5.46 -18.49 20.13
CA GLY C 85 -6.14 -19.40 21.00
C GLY C 85 -5.44 -20.75 21.08
N PRO C 86 -6.03 -21.67 21.85
CA PRO C 86 -5.37 -22.95 22.12
C PRO C 86 -5.57 -24.03 21.07
N GLY C 87 -6.29 -23.75 19.99
CA GLY C 87 -6.56 -24.78 19.02
C GLY C 87 -7.64 -25.74 19.50
N GLN C 88 -7.92 -26.73 18.66
CA GLN C 88 -8.92 -27.74 18.97
C GLN C 88 -8.43 -29.10 18.52
N GLY C 89 -8.88 -30.13 19.23
CA GLY C 89 -8.53 -31.49 18.89
C GLY C 89 -7.17 -31.91 19.44
N THR C 90 -6.86 -33.19 19.24
CA THR C 90 -5.59 -33.73 19.71
C THR C 90 -4.41 -33.13 18.94
N THR C 91 -4.58 -32.90 17.64
CA THR C 91 -3.53 -32.35 16.80
C THR C 91 -3.15 -30.92 17.17
N GLY C 92 -4.11 -30.06 17.46
CA GLY C 92 -3.85 -28.65 17.66
C GLY C 92 -4.05 -27.85 16.39
N GLN C 93 -5.20 -28.02 15.77
CA GLN C 93 -5.49 -27.39 14.49
C GLN C 93 -6.23 -26.07 14.70
N LEU C 94 -5.77 -25.03 14.00
CA LEU C 94 -6.46 -23.71 14.09
C LEU C 94 -7.75 -23.80 13.28
N PHE C 95 -8.49 -22.70 13.21
CA PHE C 95 -9.71 -22.63 12.41
C PHE C 95 -10.08 -21.16 12.24
N PHE C 96 -10.19 -20.72 10.99
CA PHE C 96 -10.65 -19.37 10.67
C PHE C 96 -11.89 -19.48 9.79
N PRO C 97 -13.09 -19.47 10.39
CA PRO C 97 -14.31 -19.65 9.57
C PRO C 97 -14.43 -18.64 8.44
N GLU C 98 -14.04 -17.39 8.67
CA GLU C 98 -14.07 -16.36 7.62
C GLU C 98 -12.77 -15.57 7.73
N VAL C 99 -11.74 -16.03 7.01
CA VAL C 99 -10.44 -15.38 7.05
C VAL C 99 -10.52 -14.05 6.30
N ASN C 100 -9.62 -13.14 6.64
CA ASN C 100 -9.57 -11.82 6.03
C ASN C 100 -8.15 -11.51 5.58
N LYS C 101 -8.03 -10.43 4.80
CA LYS C 101 -6.74 -10.05 4.25
C LYS C 101 -5.72 -9.75 5.34
N ASN C 102 -6.17 -9.33 6.51
CA ASN C 102 -5.27 -8.98 7.59
C ASN C 102 -4.57 -10.18 8.22
N HIS C 103 -5.02 -11.40 7.87
CA HIS C 103 -4.50 -12.63 8.54
C HIS C 103 -3.22 -13.17 7.89
N ARG C 104 -2.64 -12.47 6.91
CA ARG C 104 -1.38 -12.93 6.34
C ARG C 104 -0.26 -12.85 7.36
N GLY C 105 0.59 -13.87 7.37
CA GLY C 105 1.72 -13.91 8.27
C GLY C 105 2.02 -15.33 8.66
N LEU C 106 3.10 -15.48 9.43
CA LEU C 106 3.49 -16.79 9.93
C LEU C 106 2.54 -17.25 11.04
N TYR C 107 2.32 -18.56 11.10
CA TYR C 107 1.57 -19.21 12.17
C TYR C 107 2.37 -20.43 12.61
N TRP C 108 3.23 -20.24 13.60
CA TRP C 108 4.00 -21.36 14.10
C TRP C 108 3.44 -21.85 15.43
N CYS C 109 3.40 -23.17 15.56
CA CYS C 109 2.83 -23.84 16.72
C CYS C 109 3.90 -24.19 17.74
N GLN C 110 3.58 -23.99 19.01
CA GLN C 110 4.49 -24.19 20.13
C GLN C 110 4.06 -25.45 20.87
N VAL C 111 5.02 -26.32 21.16
CA VAL C 111 4.73 -27.60 21.81
C VAL C 111 5.55 -27.68 23.09
N ILE C 112 4.90 -28.06 24.19
CA ILE C 112 5.55 -28.28 25.47
C ILE C 112 5.25 -29.71 25.88
N GLU C 113 6.31 -30.48 26.19
CA GLU C 113 6.19 -31.89 26.54
C GLU C 113 7.05 -32.15 27.76
N ASN C 114 6.45 -32.05 28.95
CA ASN C 114 7.13 -32.29 30.23
C ASN C 114 8.36 -31.40 30.37
N ASN C 115 8.11 -30.09 30.39
CA ASN C 115 9.15 -29.08 30.57
C ASN C 115 10.23 -29.15 29.51
N ILE C 116 9.85 -29.58 28.30
CA ILE C 116 10.75 -29.60 27.15
C ILE C 116 10.12 -28.73 26.06
N LEU C 117 10.89 -27.78 25.56
CA LEU C 117 10.42 -26.82 24.57
C LEU C 117 11.04 -27.11 23.22
N LYS C 118 10.28 -26.84 22.16
CA LYS C 118 10.76 -27.05 20.80
C LYS C 118 9.92 -26.18 19.86
N ARG C 119 10.59 -25.44 18.99
CA ARG C 119 9.95 -24.49 18.10
C ARG C 119 9.73 -25.11 16.72
N SER C 120 8.58 -24.84 16.13
CA SER C 120 8.29 -25.28 14.77
C SER C 120 8.88 -24.29 13.78
N CYS C 121 8.51 -24.41 12.51
CA CYS C 121 9.00 -23.54 11.45
C CYS C 121 8.04 -22.43 11.09
N GLY C 122 6.76 -22.74 10.94
CA GLY C 122 5.76 -21.73 10.68
C GLY C 122 5.19 -21.74 9.27
N THR C 123 3.87 -21.69 9.18
CA THR C 123 3.18 -21.63 7.90
C THR C 123 3.09 -20.16 7.47
N TYR C 124 2.29 -19.87 6.44
CA TYR C 124 2.05 -18.48 6.04
C TYR C 124 0.71 -18.43 5.31
N LEU C 125 -0.30 -17.88 5.99
CA LEU C 125 -1.60 -17.68 5.36
C LEU C 125 -1.53 -16.55 4.35
N ARG C 126 -2.40 -16.62 3.35
CA ARG C 126 -2.50 -15.58 2.33
C ARG C 126 -3.73 -15.82 1.48
N VAL C 127 -4.33 -14.74 0.98
CA VAL C 127 -5.46 -14.80 0.07
C VAL C 127 -4.99 -14.40 -1.32
N ARG C 128 -5.70 -14.87 -2.36
CA ARG C 128 -5.28 -14.59 -3.75
C ARG C 128 -6.49 -14.26 -4.63
N ASN C 129 -7.69 -14.70 -4.24
CA ASN C 129 -8.90 -14.48 -5.04
C ASN C 129 -8.73 -15.07 -6.43
N PRO C 130 -8.74 -16.41 -6.57
CA PRO C 130 -8.46 -17.02 -7.88
C PRO C 130 -9.54 -16.76 -8.91
N VAL C 131 -9.36 -17.30 -10.12
CA VAL C 131 -10.28 -17.10 -11.24
C VAL C 131 -11.49 -18.00 -11.08
N PRO C 132 -12.70 -17.45 -11.03
CA PRO C 132 -13.91 -18.26 -10.86
C PRO C 132 -14.55 -18.77 -12.15
N ARG C 133 -13.83 -18.77 -13.27
CA ARG C 133 -14.43 -19.09 -14.57
C ARG C 133 -13.90 -20.42 -15.08
N PRO C 134 -14.59 -21.53 -14.83
CA PRO C 134 -14.10 -22.86 -15.24
C PRO C 134 -14.68 -23.40 -16.54
N PHE C 135 -15.46 -22.62 -17.28
CA PHE C 135 -16.14 -23.14 -18.46
C PHE C 135 -15.15 -23.60 -19.52
N LEU C 136 -14.11 -22.82 -19.75
CA LEU C 136 -13.25 -22.98 -20.93
C LEU C 136 -12.05 -23.90 -20.67
N ASP C 137 -12.32 -25.09 -20.13
CA ASP C 137 -11.34 -26.18 -20.04
C ASP C 137 -10.09 -25.73 -19.30
N MET C 138 -10.27 -25.51 -18.00
CA MET C 138 -9.23 -24.99 -17.11
C MET C 138 -7.86 -25.60 -17.39
N GLY C 139 -6.84 -24.75 -17.44
CA GLY C 139 -5.47 -25.21 -17.75
C GLY C 139 -4.90 -24.48 -18.95
N GLU C 140 -4.01 -23.51 -18.73
CA GLU C 140 -3.47 -22.71 -19.86
C GLU C 140 -3.06 -23.65 -20.99
N GLY C 141 -2.19 -24.62 -20.69
CA GLY C 141 -1.73 -25.56 -21.70
C GLY C 141 -2.90 -26.22 -22.42
N THR C 142 -3.96 -26.55 -21.67
CA THR C 142 -5.12 -27.17 -22.30
C THR C 142 -5.73 -26.28 -23.37
N LYS C 143 -6.03 -25.01 -23.02
CA LYS C 143 -6.70 -24.14 -23.97
C LYS C 143 -5.80 -23.76 -25.14
N ASN C 144 -4.53 -23.48 -24.88
CA ASN C 144 -3.67 -23.16 -26.01
C ASN C 144 -3.42 -24.37 -26.91
N ARG C 145 -3.35 -25.58 -26.34
CA ARG C 145 -3.20 -26.77 -27.17
C ARG C 145 -4.44 -27.01 -28.02
N ILE C 146 -5.64 -26.82 -27.45
CA ILE C 146 -6.82 -27.02 -28.27
C ILE C 146 -6.94 -25.87 -29.28
N ILE C 147 -6.30 -24.73 -29.02
CA ILE C 147 -6.25 -23.65 -30.02
C ILE C 147 -5.39 -24.07 -31.21
N THR C 148 -4.22 -24.64 -30.94
CA THR C 148 -3.40 -25.16 -32.05
C THR C 148 -4.13 -26.26 -32.81
N ALA C 149 -4.77 -27.18 -32.09
CA ALA C 149 -5.58 -28.22 -32.73
C ALA C 149 -6.71 -27.58 -33.52
N GLU C 150 -7.25 -26.47 -33.04
CA GLU C 150 -8.27 -25.74 -33.79
C GLU C 150 -7.73 -25.33 -35.13
N GLY C 151 -6.55 -24.71 -35.14
CA GLY C 151 -5.96 -24.28 -36.39
C GLY C 151 -5.73 -25.44 -37.35
N ILE C 152 -5.09 -26.50 -36.84
CA ILE C 152 -4.73 -27.62 -37.71
C ILE C 152 -5.98 -28.28 -38.29
N ILE C 153 -6.95 -28.61 -37.42
CA ILE C 153 -8.13 -29.33 -37.87
C ILE C 153 -8.99 -28.46 -38.77
N LEU C 154 -9.12 -27.17 -38.45
CA LEU C 154 -9.91 -26.29 -39.29
C LEU C 154 -9.29 -26.16 -40.68
N LEU C 155 -7.95 -26.02 -40.74
CA LEU C 155 -7.30 -25.92 -42.05
C LEU C 155 -7.49 -27.20 -42.85
N PHE C 156 -7.33 -28.37 -42.22
CA PHE C 156 -7.47 -29.63 -42.95
C PHE C 156 -8.92 -29.84 -43.42
N CYS C 157 -9.88 -29.57 -42.54
CA CYS C 157 -11.29 -29.76 -42.85
C CYS C 157 -11.83 -28.65 -43.74
N ALA C 158 -11.03 -27.61 -44.01
CA ALA C 158 -11.38 -26.69 -45.09
C ALA C 158 -10.72 -27.09 -46.39
N VAL C 159 -9.50 -27.63 -46.33
CA VAL C 159 -8.80 -28.06 -47.53
C VAL C 159 -9.52 -29.21 -48.22
N VAL C 160 -9.99 -30.19 -47.44
CA VAL C 160 -10.67 -31.34 -48.04
C VAL C 160 -11.89 -30.92 -48.86
N PRO C 161 -12.73 -29.97 -48.40
CA PRO C 161 -13.79 -29.48 -49.29
C PRO C 161 -13.28 -28.90 -50.60
N GLY C 162 -12.07 -28.35 -50.64
CA GLY C 162 -11.53 -27.90 -51.92
C GLY C 162 -11.32 -29.04 -52.89
N THR C 163 -10.78 -30.16 -52.39
CA THR C 163 -10.65 -31.35 -53.22
C THR C 163 -12.02 -31.84 -53.67
N LEU C 164 -13.00 -31.84 -52.77
CA LEU C 164 -14.36 -32.22 -53.14
C LEU C 164 -14.89 -31.31 -54.24
N LEU C 165 -14.64 -30.01 -54.12
CA LEU C 165 -15.14 -29.06 -55.10
C LEU C 165 -14.50 -29.25 -56.46
N LEU C 166 -13.19 -29.49 -56.50
CA LEU C 166 -12.55 -29.69 -57.81
C LEU C 166 -13.01 -31.00 -58.44
N PHE C 167 -13.16 -32.05 -57.63
CA PHE C 167 -13.71 -33.30 -58.15
C PHE C 167 -15.11 -33.09 -58.71
N ARG C 168 -15.94 -32.36 -57.96
CA ARG C 168 -17.32 -32.06 -58.41
C ARG C 168 -17.26 -31.31 -59.74
N LYS C 169 -16.44 -30.26 -59.81
CA LYS C 169 -16.39 -29.45 -61.03
C LYS C 169 -16.00 -30.31 -62.22
N ARG C 170 -14.98 -31.17 -62.05
CA ARG C 170 -14.58 -32.05 -63.14
C ARG C 170 -15.73 -32.99 -63.52
N TRP C 171 -16.43 -33.54 -62.53
CA TRP C 171 -17.51 -34.47 -62.83
C TRP C 171 -18.70 -33.78 -63.50
N GLN C 172 -19.05 -32.57 -63.08
CA GLN C 172 -20.17 -31.89 -63.75
C GLN C 172 -19.78 -31.45 -65.15
N ASN C 173 -18.51 -31.06 -65.34
CA ASN C 173 -18.05 -30.72 -66.69
C ASN C 173 -18.12 -31.94 -67.59
N GLU C 174 -17.74 -33.11 -67.08
CA GLU C 174 -17.91 -34.34 -67.85
C GLU C 174 -19.39 -34.62 -68.12
N LYS C 175 -20.26 -34.34 -67.14
CA LYS C 175 -21.68 -34.57 -67.30
C LYS C 175 -22.27 -33.71 -68.42
N PHE C 176 -21.87 -32.43 -68.48
CA PHE C 176 -22.40 -31.54 -69.52
C PHE C 176 -22.00 -32.02 -70.90
N GLY C 177 -20.76 -32.46 -71.07
CA GLY C 177 -20.29 -32.94 -72.35
C GLY C 177 -20.92 -34.25 -72.78
N PRO D 42 21.35 -32.09 19.09
CA PRO D 42 22.78 -32.01 18.81
C PRO D 42 23.14 -30.98 17.73
N CYS D 43 22.36 -30.96 16.64
CA CYS D 43 22.69 -30.11 15.47
C CYS D 43 21.41 -29.63 14.78
N SER D 44 20.38 -29.24 15.54
CA SER D 44 19.08 -28.84 15.01
C SER D 44 18.71 -27.42 15.43
N GLN D 45 19.61 -26.47 15.14
CA GLN D 45 19.34 -25.07 15.44
C GLN D 45 19.51 -24.19 14.21
N ILE D 46 18.95 -24.61 13.09
CA ILE D 46 19.05 -23.85 11.85
C ILE D 46 17.89 -22.85 11.79
N TRP D 47 18.18 -21.66 11.26
CA TRP D 47 17.20 -20.60 11.12
C TRP D 47 16.96 -20.31 9.65
N GLN D 48 15.85 -19.65 9.37
CA GLN D 48 15.51 -19.26 8.01
C GLN D 48 14.75 -17.93 8.02
N HIS D 49 14.28 -17.54 6.83
CA HIS D 49 13.87 -16.20 6.45
C HIS D 49 12.50 -16.25 5.79
N PRO D 50 11.93 -15.09 5.34
CA PRO D 50 10.64 -15.12 4.64
C PRO D 50 10.48 -16.31 3.69
N ARG D 51 9.47 -17.13 3.98
CA ARG D 51 9.35 -18.45 3.34
C ARG D 51 8.56 -18.38 2.03
N PHE D 52 7.41 -17.71 2.05
CA PHE D 52 6.56 -17.70 0.86
C PHE D 52 7.22 -16.92 -0.28
N ALA D 53 7.69 -15.71 0.01
CA ALA D 53 8.51 -14.92 -0.91
C ALA D 53 7.91 -14.85 -2.31
N ALA D 54 6.74 -14.23 -2.40
CA ALA D 54 6.11 -13.99 -3.70
C ALA D 54 6.91 -12.94 -4.45
N LYS D 55 7.46 -13.30 -5.61
CA LYS D 55 8.39 -12.45 -6.32
C LYS D 55 8.07 -12.43 -7.81
N LYS D 56 8.53 -11.36 -8.46
CA LYS D 56 8.39 -11.31 -9.93
C LYS D 56 9.63 -11.98 -10.50
N ARG D 57 9.60 -12.33 -11.78
CA ARG D 57 10.70 -13.00 -12.45
C ARG D 57 11.95 -12.13 -12.43
N SER D 58 13.09 -12.74 -12.11
CA SER D 58 14.39 -12.07 -12.04
C SER D 58 14.37 -10.93 -11.03
N SER D 59 14.11 -11.29 -9.77
CA SER D 59 14.11 -10.34 -8.66
C SER D 59 15.15 -10.79 -7.63
N MET D 60 15.27 -10.00 -6.57
CA MET D 60 16.38 -10.13 -5.63
C MET D 60 15.88 -10.29 -4.20
N VAL D 61 16.28 -11.40 -3.55
CA VAL D 61 16.15 -11.58 -2.11
C VAL D 61 17.41 -12.25 -1.59
N LYS D 62 17.69 -12.04 -0.31
CA LYS D 62 18.92 -12.50 0.33
C LYS D 62 18.60 -13.69 1.24
N PHE D 63 19.25 -14.82 0.98
CA PHE D 63 19.14 -15.98 1.85
C PHE D 63 20.37 -16.10 2.73
N HIS D 64 20.22 -16.86 3.81
CA HIS D 64 21.28 -17.15 4.77
C HIS D 64 21.04 -18.53 5.35
N CYS D 65 21.96 -18.98 6.19
CA CYS D 65 21.85 -20.26 6.88
C CYS D 65 22.26 -20.13 8.34
N TYR D 66 21.67 -19.15 9.05
CA TYR D 66 21.95 -18.95 10.46
C TYR D 66 21.88 -20.26 11.24
N THR D 67 22.93 -20.53 12.01
CA THR D 67 23.01 -21.76 12.77
C THR D 67 23.87 -21.53 14.02
N ASN D 68 23.74 -22.43 14.98
CA ASN D 68 24.50 -22.41 16.22
C ASN D 68 25.48 -23.57 16.27
N HIS D 69 26.07 -23.89 15.12
CA HIS D 69 27.03 -24.99 15.00
C HIS D 69 28.04 -24.61 13.93
N SER D 70 28.94 -25.54 13.60
CA SER D 70 29.98 -25.28 12.61
C SER D 70 30.37 -26.61 11.98
N GLY D 71 30.03 -26.79 10.71
CA GLY D 71 30.33 -28.02 10.02
C GLY D 71 30.04 -27.93 8.54
N ALA D 72 30.07 -29.07 7.89
CA ALA D 72 29.83 -29.14 6.45
C ALA D 72 28.40 -28.73 6.11
N LEU D 73 28.24 -28.00 5.02
CA LEU D 73 26.96 -27.48 4.58
C LEU D 73 26.72 -27.85 3.13
N THR D 74 25.46 -28.13 2.80
CA THR D 74 25.05 -28.44 1.43
C THR D 74 23.70 -27.79 1.15
N TRP D 75 23.68 -26.83 0.22
CA TRP D 75 22.42 -26.25 -0.21
C TRP D 75 21.62 -27.27 -1.01
N PHE D 76 20.30 -27.29 -0.77
CA PHE D 76 19.40 -28.20 -1.46
C PHE D 76 18.20 -27.44 -1.99
N ARG D 77 17.67 -27.91 -3.12
CA ARG D 77 16.51 -27.33 -3.78
C ARG D 77 15.46 -28.41 -4.00
N LYS D 78 14.22 -28.11 -3.64
CA LYS D 78 13.10 -29.01 -3.89
C LYS D 78 12.05 -28.30 -4.72
N ARG D 79 11.53 -29.00 -5.73
CA ARG D 79 10.40 -28.54 -6.53
C ARG D 79 9.32 -29.60 -6.49
N GLY D 80 8.09 -29.19 -6.18
CA GLY D 80 6.99 -30.14 -6.14
C GLY D 80 7.23 -31.22 -5.09
N SER D 81 7.00 -32.47 -5.50
CA SER D 81 7.17 -33.62 -4.61
C SER D 81 8.40 -34.45 -4.97
N GLN D 82 9.26 -33.94 -5.86
CA GLN D 82 10.45 -34.66 -6.25
C GLN D 82 11.49 -34.65 -5.13
N GLN D 83 12.52 -35.48 -5.30
CA GLN D 83 13.50 -35.69 -4.25
C GLN D 83 14.43 -34.49 -4.11
N PRO D 84 15.06 -34.33 -2.94
CA PRO D 84 16.03 -33.23 -2.77
C PRO D 84 17.20 -33.37 -3.73
N GLN D 85 17.70 -32.23 -4.19
CA GLN D 85 18.80 -32.18 -5.14
C GLN D 85 19.80 -31.11 -4.73
N GLU D 86 21.06 -31.32 -5.11
CA GLU D 86 22.15 -30.42 -4.77
C GLU D 86 22.14 -29.20 -5.68
N LEU D 87 22.49 -28.05 -5.10
CA LEU D 87 22.59 -26.81 -5.85
C LEU D 87 24.04 -26.58 -6.28
N VAL D 88 24.21 -25.95 -7.44
CA VAL D 88 25.52 -25.71 -8.02
C VAL D 88 25.72 -24.20 -8.14
N SER D 89 26.87 -23.73 -7.63
CA SER D 89 27.14 -22.30 -7.59
C SER D 89 27.46 -21.75 -8.96
N GLU D 90 26.96 -20.55 -9.24
CA GLU D 90 27.23 -19.83 -10.48
C GLU D 90 27.30 -18.34 -10.16
N GLU D 91 28.31 -17.67 -10.71
CA GLU D 91 28.54 -16.26 -10.40
C GLU D 91 27.48 -15.37 -11.03
N GLY D 92 26.95 -14.44 -10.24
CA GLY D 92 25.90 -13.56 -10.71
C GLY D 92 24.53 -14.19 -10.79
N ARG D 93 24.42 -15.47 -10.52
CA ARG D 93 23.16 -16.22 -10.45
C ARG D 93 22.94 -16.80 -9.06
N ILE D 94 23.99 -17.27 -8.41
CA ILE D 94 23.94 -17.74 -7.02
C ILE D 94 25.18 -17.22 -6.31
N VAL D 95 24.99 -16.31 -5.36
CA VAL D 95 26.08 -15.69 -4.62
C VAL D 95 26.21 -16.39 -3.28
N GLN D 96 27.43 -16.78 -2.92
CA GLN D 96 27.71 -17.54 -1.71
C GLN D 96 28.81 -16.83 -0.92
N THR D 97 28.42 -16.07 0.09
CA THR D 97 29.36 -15.40 0.99
C THR D 97 29.15 -15.93 2.40
N GLN D 98 30.23 -16.32 3.06
CA GLN D 98 30.17 -16.91 4.39
C GLN D 98 30.50 -15.82 5.41
N ASN D 99 29.48 -15.44 6.20
CA ASN D 99 29.66 -14.43 7.28
C ASN D 99 29.91 -15.18 8.58
N GLY D 100 30.99 -15.96 8.65
CA GLY D 100 31.30 -16.75 9.82
C GLY D 100 30.37 -17.94 9.99
N SER D 101 29.52 -17.90 11.03
CA SER D 101 28.55 -18.96 11.25
C SER D 101 27.31 -18.82 10.39
N VAL D 102 27.20 -17.75 9.61
CA VAL D 102 26.05 -17.51 8.75
C VAL D 102 26.47 -17.69 7.30
N TYR D 103 25.69 -18.47 6.55
CA TYR D 103 26.00 -18.80 5.16
C TYR D 103 25.02 -18.05 4.27
N THR D 104 25.42 -16.84 3.87
CA THR D 104 24.55 -16.00 3.03
C THR D 104 24.38 -16.62 1.65
N LEU D 105 23.18 -16.46 1.08
CA LEU D 105 22.93 -16.93 -0.30
C LEU D 105 22.07 -15.89 -1.03
N THR D 106 22.15 -15.84 -2.36
CA THR D 106 21.38 -14.86 -3.16
C THR D 106 21.16 -15.42 -4.56
N ILE D 107 19.92 -15.43 -5.04
CA ILE D 107 19.63 -16.05 -6.36
C ILE D 107 19.13 -14.98 -7.33
N GLN D 108 19.94 -14.68 -8.33
CA GLN D 108 19.50 -13.70 -9.34
C GLN D 108 18.81 -14.43 -10.48
N ASN D 109 18.43 -13.70 -11.51
CA ASN D 109 17.78 -14.23 -12.72
C ASN D 109 16.81 -15.39 -12.49
N ILE D 110 15.96 -15.22 -11.48
CA ILE D 110 15.00 -16.25 -11.11
C ILE D 110 13.91 -16.43 -12.14
N GLN D 111 13.69 -17.67 -12.57
CA GLN D 111 12.68 -18.03 -13.54
C GLN D 111 11.67 -18.98 -12.92
N TYR D 112 10.72 -19.45 -13.73
CA TYR D 112 9.69 -20.35 -13.23
C TYR D 112 10.26 -21.69 -12.80
N GLU D 113 11.37 -22.13 -13.39
CA GLU D 113 11.97 -23.40 -13.00
C GLU D 113 12.52 -23.36 -11.58
N ASP D 114 12.72 -22.16 -11.02
CA ASP D 114 13.22 -22.01 -9.66
C ASP D 114 12.11 -22.04 -8.62
N ASN D 115 10.85 -22.17 -9.05
CA ASN D 115 9.74 -22.32 -8.12
C ASN D 115 9.91 -23.61 -7.32
N GLY D 116 9.72 -23.52 -6.02
CA GLY D 116 9.83 -24.68 -5.17
C GLY D 116 10.22 -24.30 -3.75
N ILE D 117 10.98 -25.19 -3.12
CA ILE D 117 11.34 -25.08 -1.71
C ILE D 117 12.86 -25.04 -1.62
N TYR D 118 13.38 -24.08 -0.86
CA TYR D 118 14.82 -23.91 -0.67
C TYR D 118 15.17 -23.99 0.80
N PHE D 119 16.25 -24.71 1.11
CA PHE D 119 16.75 -24.85 2.47
C PHE D 119 18.21 -25.31 2.40
N CYS D 120 18.92 -25.12 3.50
CA CYS D 120 20.32 -25.50 3.60
C CYS D 120 20.49 -26.67 4.56
N LYS D 121 21.17 -27.72 4.10
CA LYS D 121 21.47 -28.87 4.93
C LYS D 121 22.73 -28.62 5.77
N GLN D 122 23.00 -29.55 6.67
CA GLN D 122 24.22 -29.56 7.46
C GLN D 122 24.59 -31.00 7.77
N LYS D 123 25.88 -31.22 8.05
CA LYS D 123 26.38 -32.55 8.38
C LYS D 123 26.76 -32.58 9.85
N CYS D 124 26.19 -33.53 10.58
CA CYS D 124 26.45 -33.71 12.01
C CYS D 124 27.10 -35.08 12.20
N ASP D 125 28.43 -35.13 12.10
CA ASP D 125 29.18 -36.37 12.26
C ASP D 125 29.42 -36.57 13.76
N SER D 126 28.33 -36.90 14.46
CA SER D 126 28.34 -37.05 15.91
C SER D 126 28.32 -38.51 16.34
N ALA D 127 29.01 -39.37 15.58
CA ALA D 127 29.10 -40.81 15.85
C ALA D 127 27.74 -41.50 15.81
N ASN D 128 26.70 -40.83 15.31
CA ASN D 128 25.39 -41.44 15.18
C ASN D 128 24.71 -41.10 13.86
N HIS D 129 25.38 -40.38 12.97
CA HIS D 129 24.84 -39.99 11.67
C HIS D 129 23.54 -39.20 11.83
N ASN D 130 23.44 -38.50 12.97
CA ASN D 130 22.25 -37.66 13.25
C ASN D 130 22.43 -36.53 12.24
N VAL D 131 21.71 -36.61 11.13
CA VAL D 131 21.83 -35.62 10.06
C VAL D 131 20.54 -34.81 10.18
N THR D 132 20.68 -33.50 10.39
CA THR D 132 19.57 -32.59 10.51
C THR D 132 19.51 -31.67 9.30
N ASP D 133 18.38 -30.97 9.16
CA ASP D 133 18.14 -30.10 8.02
C ASP D 133 17.39 -28.87 8.48
N SER D 134 17.21 -27.93 7.55
CA SER D 134 16.45 -26.72 7.80
C SER D 134 14.95 -27.04 7.66
N CYS D 135 14.12 -26.00 7.62
CA CYS D 135 12.67 -26.20 7.54
C CYS D 135 12.16 -25.98 6.12
N GLY D 136 12.43 -24.83 5.54
CA GLY D 136 12.09 -24.60 4.14
C GLY D 136 11.86 -23.14 3.85
N THR D 137 11.85 -22.83 2.55
CA THR D 137 11.55 -21.50 2.03
C THR D 137 10.87 -21.71 0.68
N GLU D 138 9.53 -21.68 0.70
CA GLU D 138 8.74 -22.06 -0.48
C GLU D 138 8.60 -20.84 -1.39
N LEU D 139 9.52 -20.74 -2.35
CA LEU D 139 9.51 -19.64 -3.28
C LEU D 139 8.39 -19.82 -4.31
N LEU D 140 7.78 -18.71 -4.71
CA LEU D 140 6.73 -18.71 -5.71
C LEU D 140 7.01 -17.62 -6.75
N VAL D 141 6.62 -17.90 -8.00
CA VAL D 141 6.74 -16.96 -9.10
C VAL D 141 5.33 -16.52 -9.49
N LEU D 142 5.15 -15.21 -9.63
CA LEU D 142 3.84 -14.62 -9.83
C LEU D 142 3.58 -14.34 -11.30
N GLY D 143 2.35 -14.63 -11.74
CA GLY D 143 1.93 -14.23 -13.08
C GLY D 143 1.41 -12.80 -13.08
N PHE D 144 2.01 -11.99 -13.94
CA PHE D 144 1.67 -10.53 -13.98
C PHE D 144 0.56 -10.30 -15.00
N SER D 145 -0.68 -10.69 -14.66
CA SER D 145 -1.83 -10.46 -15.56
C SER D 145 -2.64 -9.26 -15.06
N THR D 146 -2.00 -8.32 -14.35
CA THR D 146 -2.71 -7.15 -13.77
C THR D 146 -3.97 -7.65 -13.05
N LEU D 147 -4.03 -8.94 -12.72
CA LEU D 147 -5.19 -9.51 -12.06
C LEU D 147 -6.49 -9.18 -12.79
N ASP D 148 -6.39 -8.70 -14.03
CA ASP D 148 -7.57 -8.20 -14.73
C ASP D 148 -7.56 -8.65 -16.18
N GLN D 149 -6.41 -8.60 -16.84
CA GLN D 149 -6.35 -9.08 -18.22
C GLN D 149 -6.65 -10.56 -18.33
N LEU D 150 -6.40 -11.33 -17.26
CA LEU D 150 -6.70 -12.76 -17.28
C LEU D 150 -8.16 -13.01 -17.63
N LYS D 151 -9.06 -12.19 -17.10
CA LYS D 151 -10.48 -12.32 -17.42
C LYS D 151 -10.72 -12.12 -18.92
N ARG D 152 -10.10 -11.09 -19.49
CA ARG D 152 -10.27 -10.82 -20.91
C ARG D 152 -9.74 -11.96 -21.76
N ARG D 153 -8.55 -12.46 -21.44
CA ARG D 153 -8.00 -13.57 -22.21
C ARG D 153 -8.87 -14.81 -22.10
N ASN D 154 -9.34 -15.14 -20.89
CA ASN D 154 -10.18 -16.32 -20.72
C ASN D 154 -11.49 -16.19 -21.48
N THR D 155 -12.11 -15.00 -21.43
CA THR D 155 -13.33 -14.78 -22.19
C THR D 155 -13.07 -14.95 -23.69
N LEU D 156 -11.91 -14.46 -24.16
CA LEU D 156 -11.60 -14.59 -25.58
C LEU D 156 -11.41 -16.06 -25.98
N LYS D 157 -10.65 -16.84 -25.20
CA LYS D 157 -10.49 -18.25 -25.54
C LYS D 157 -11.81 -19.00 -25.47
N ASP D 158 -12.69 -18.63 -24.54
CA ASP D 158 -14.02 -19.22 -24.53
C ASP D 158 -14.77 -18.93 -25.82
N GLY D 159 -14.65 -17.69 -26.31
CA GLY D 159 -15.23 -17.36 -27.60
C GLY D 159 -14.65 -18.23 -28.72
N ILE D 160 -13.33 -18.42 -28.72
CA ILE D 160 -12.73 -19.18 -29.82
C ILE D 160 -13.12 -20.65 -29.76
N ILE D 161 -13.25 -21.24 -28.58
CA ILE D 161 -13.58 -22.68 -28.62
C ILE D 161 -15.07 -22.89 -28.81
N LEU D 162 -15.92 -21.91 -28.49
CA LEU D 162 -17.29 -21.96 -28.98
C LEU D 162 -17.31 -21.87 -30.51
N ILE D 163 -16.42 -21.07 -31.07
CA ILE D 163 -16.28 -20.97 -32.52
C ILE D 163 -15.81 -22.32 -33.08
N GLN D 164 -14.93 -23.00 -32.35
CA GLN D 164 -14.64 -24.40 -32.64
C GLN D 164 -15.88 -25.26 -32.71
N THR D 165 -16.72 -25.22 -31.68
CA THR D 165 -17.91 -26.07 -31.71
C THR D 165 -18.72 -25.81 -32.97
N LEU D 166 -19.02 -24.53 -33.23
CA LEU D 166 -19.85 -24.19 -34.39
C LEU D 166 -19.18 -24.61 -35.70
N LEU D 167 -17.93 -24.20 -35.91
CA LEU D 167 -17.24 -24.45 -37.16
C LEU D 167 -16.96 -25.92 -37.39
N ILE D 168 -16.64 -26.68 -36.35
CA ILE D 168 -16.37 -28.10 -36.52
C ILE D 168 -17.66 -28.84 -36.87
N ILE D 169 -18.77 -28.48 -36.22
CA ILE D 169 -20.04 -29.06 -36.63
C ILE D 169 -20.31 -28.72 -38.11
N LEU D 170 -20.05 -27.48 -38.49
CA LEU D 170 -20.28 -27.06 -39.87
C LEU D 170 -19.41 -27.83 -40.86
N PHE D 171 -18.13 -28.00 -40.55
CA PHE D 171 -17.21 -28.67 -41.46
C PHE D 171 -17.27 -30.18 -41.36
N ILE D 172 -18.04 -30.74 -40.43
CA ILE D 172 -18.37 -32.15 -40.49
C ILE D 172 -19.66 -32.39 -41.26
N ILE D 173 -20.60 -31.43 -41.21
CA ILE D 173 -21.80 -31.59 -42.03
C ILE D 173 -21.57 -31.19 -43.48
N VAL D 174 -20.55 -30.37 -43.77
CA VAL D 174 -20.26 -29.99 -45.15
C VAL D 174 -19.90 -31.18 -46.04
N PRO D 175 -18.96 -32.06 -45.66
CA PRO D 175 -18.53 -33.10 -46.61
C PRO D 175 -19.64 -34.05 -47.03
N ILE D 176 -20.44 -34.54 -46.08
CA ILE D 176 -21.49 -35.49 -46.42
C ILE D 176 -22.57 -34.83 -47.27
N PHE D 177 -23.03 -33.64 -46.86
CA PHE D 177 -24.05 -32.93 -47.62
C PHE D 177 -23.55 -32.45 -48.98
N LEU D 178 -22.25 -32.32 -49.16
CA LEU D 178 -21.69 -31.96 -50.46
C LEU D 178 -21.50 -33.18 -51.37
N LEU D 179 -21.04 -34.30 -50.82
CA LEU D 179 -20.94 -35.51 -51.63
C LEU D 179 -22.31 -36.08 -51.97
N LEU D 180 -23.35 -35.78 -51.17
CA LEU D 180 -24.70 -36.17 -51.54
C LEU D 180 -25.15 -35.45 -52.81
N ASP D 181 -24.80 -34.16 -52.90
CA ASP D 181 -25.16 -33.37 -54.11
C ASP D 181 -24.18 -33.74 -55.24
N LYS D 182 -22.89 -33.84 -54.90
CA LYS D 182 -21.87 -34.22 -55.92
C LYS D 182 -22.28 -35.57 -56.54
N ASP D 183 -22.55 -36.57 -55.69
CA ASP D 183 -22.98 -37.90 -56.20
C ASP D 183 -24.40 -37.79 -56.77
N ASP D 184 -25.28 -37.03 -56.10
CA ASP D 184 -26.67 -36.84 -56.57
C ASP D 184 -27.27 -38.22 -56.94
N GLY D 197 -31.53 -35.17 -49.71
CA GLY D 197 -31.98 -33.78 -49.44
C GLY D 197 -33.25 -33.49 -50.24
N LEU D 198 -33.12 -33.31 -51.55
CA LEU D 198 -34.30 -33.05 -52.41
C LEU D 198 -35.25 -34.25 -52.35
N ASN D 199 -34.70 -35.47 -52.37
CA ASN D 199 -35.53 -36.69 -52.29
C ASN D 199 -36.29 -36.71 -50.95
N ILE D 200 -35.60 -36.35 -49.87
CA ILE D 200 -36.25 -36.31 -48.53
C ILE D 200 -37.37 -35.28 -48.54
N ASP D 201 -37.13 -34.13 -49.17
CA ASP D 201 -38.16 -33.07 -49.25
C ASP D 201 -39.38 -33.61 -50.02
N GLN D 202 -39.13 -34.33 -51.12
CA GLN D 202 -40.24 -34.91 -51.92
C GLN D 202 -41.02 -35.91 -51.05
N THR D 203 -40.31 -36.72 -50.27
CA THR D 203 -40.96 -37.69 -49.38
C THR D 203 -41.85 -36.95 -48.37
N GLU D 207 -42.33 -32.51 -40.79
CA GLU D 207 -41.61 -32.09 -42.01
C GLU D 207 -40.44 -31.19 -41.64
N ASP D 208 -40.72 -30.08 -40.94
CA ASP D 208 -39.65 -29.16 -40.52
C ASP D 208 -38.69 -29.90 -39.57
N ILE D 209 -39.23 -30.71 -38.66
CA ILE D 209 -38.40 -31.49 -37.72
C ILE D 209 -37.51 -32.45 -38.50
N VAL D 210 -38.08 -33.11 -39.53
CA VAL D 210 -37.30 -34.05 -40.36
C VAL D 210 -36.18 -33.29 -41.07
N THR D 211 -36.47 -32.09 -41.57
CA THR D 211 -35.44 -31.27 -42.26
C THR D 211 -34.33 -30.93 -41.26
N LEU D 212 -34.70 -30.57 -40.03
CA LEU D 212 -33.69 -30.24 -38.99
C LEU D 212 -32.83 -31.47 -38.73
N ARG D 213 -33.44 -32.66 -38.66
CA ARG D 213 -32.68 -33.91 -38.45
C ARG D 213 -31.70 -34.12 -39.61
C1 NAG E . -0.54 -27.15 29.82
C2 NAG E . -1.78 -26.43 29.27
C3 NAG E . -2.67 -25.95 30.41
C4 NAG E . -3.02 -27.08 31.35
C5 NAG E . -1.73 -27.77 31.82
C6 NAG E . -2.02 -29.02 32.64
C7 NAG E . -2.27 -24.79 27.51
C8 NAG E . -3.23 -25.73 26.85
N2 NAG E . -1.42 -25.35 28.38
O3 NAG E . -3.86 -25.33 29.94
O4 NAG E . -3.74 -26.54 32.45
O5 NAG E . -0.91 -28.19 30.71
O6 NAG E . -3.06 -28.81 33.62
O7 NAG E . -2.25 -23.59 27.25
C1 NAG F . 15.52 -6.76 15.55
C2 NAG F . 16.98 -6.30 15.53
C3 NAG F . 17.38 -5.83 16.91
C4 NAG F . 16.42 -4.74 17.41
C5 NAG F . 15.00 -5.27 17.36
C6 NAG F . 13.98 -4.21 17.71
C7 NAG F . 18.91 -7.86 15.58
C8 NAG F . 20.16 -7.82 14.77
N2 NAG F . 17.81 -7.36 15.00
O3 NAG F . 18.72 -5.33 16.88
O4 NAG F . 16.76 -4.41 18.75
O5 NAG F . 14.66 -5.72 16.04
O6 NAG F . 14.01 -3.14 16.76
O7 NAG F . 18.89 -8.34 16.72
C1 NAG G . 23.73 -20.51 20.70
C2 NAG G . 23.14 -19.09 20.73
C3 NAG G . 23.60 -18.38 22.00
C4 NAG G . 23.21 -19.20 23.23
C5 NAG G . 23.80 -20.60 23.10
C6 NAG G . 23.36 -21.52 24.22
C7 NAG G . 22.63 -18.03 18.60
C8 NAG G . 23.18 -17.28 17.43
N2 NAG G . 23.50 -18.35 19.55
O3 NAG G . 23.02 -17.09 22.05
O4 NAG G . 23.74 -18.59 24.40
O5 NAG G . 23.35 -21.22 21.87
O6 NAG G . 21.94 -21.68 24.25
O7 NAG G . 21.45 -18.34 18.68
C1 NAG H . 28.62 -9.73 7.65
C2 NAG H . 29.88 -9.16 6.99
C3 NAG H . 30.12 -7.74 7.49
C4 NAG H . 28.89 -6.89 7.22
C5 NAG H . 27.67 -7.54 7.88
C6 NAG H . 26.38 -6.81 7.57
C7 NAG H . 32.18 -9.95 6.59
C8 NAG H . 32.09 -9.52 5.15
N2 NAG H . 31.03 -10.02 7.25
O3 NAG H . 31.27 -7.18 6.85
O4 NAG H . 29.08 -5.60 7.78
O5 NAG H . 27.51 -8.89 7.41
O6 NAG H . 26.13 -6.79 6.18
O7 NAG H . 33.25 -10.24 7.12
C1 NAG I . 18.70 -38.27 15.76
C2 NAG I . 18.65 -39.78 15.53
C3 NAG I . 17.33 -40.32 16.07
C4 NAG I . 17.18 -39.94 17.53
C5 NAG I . 17.29 -38.43 17.69
C6 NAG I . 17.26 -37.99 19.13
C7 NAG I . 19.94 -40.67 13.68
C8 NAG I . 20.00 -40.93 12.20
N2 NAG I . 18.83 -40.11 14.14
O3 NAG I . 17.29 -41.73 15.90
O4 NAG I . 15.89 -40.37 18.00
O5 NAG I . 18.54 -37.96 17.13
O6 NAG I . 18.34 -38.54 19.86
O7 NAG I . 20.88 -40.96 14.42
#